data_169D
# 
_entry.id   169D 
# 
_audit_conform.dict_name       mmcif_pdbx.dic 
_audit_conform.dict_version    5.392 
_audit_conform.dict_location   http://mmcif.pdb.org/dictionaries/ascii/mmcif_pdbx.dic 
# 
loop_
_database_2.database_id 
_database_2.database_code 
_database_2.pdbx_database_accession 
_database_2.pdbx_DOI 
PDB   169D         pdb_0000169d 10.2210/pdb169d/pdb 
WWPDB D_1000170154 ?            ?                   
# 
loop_
_pdbx_audit_revision_history.ordinal 
_pdbx_audit_revision_history.data_content_type 
_pdbx_audit_revision_history.major_revision 
_pdbx_audit_revision_history.minor_revision 
_pdbx_audit_revision_history.revision_date 
1 'Structure model' 1 0 1994-07-31 
2 'Structure model' 1 1 2008-03-24 
3 'Structure model' 1 2 2011-07-13 
4 'Structure model' 1 3 2022-02-16 
5 'Structure model' 1 4 2024-05-22 
# 
_pdbx_audit_revision_details.ordinal             1 
_pdbx_audit_revision_details.revision_ordinal    1 
_pdbx_audit_revision_details.data_content_type   'Structure model' 
_pdbx_audit_revision_details.provider            repository 
_pdbx_audit_revision_details.type                'Initial release' 
_pdbx_audit_revision_details.description         ? 
_pdbx_audit_revision_details.details             ? 
# 
loop_
_pdbx_audit_revision_group.ordinal 
_pdbx_audit_revision_group.revision_ordinal 
_pdbx_audit_revision_group.data_content_type 
_pdbx_audit_revision_group.group 
1 2 'Structure model' 'Version format compliance' 
2 3 'Structure model' 'Version format compliance' 
3 4 'Structure model' 'Data collection'           
4 4 'Structure model' 'Database references'       
5 4 'Structure model' 'Derived calculations'      
6 4 'Structure model' Other                       
7 4 'Structure model' 'Structure summary'         
8 5 'Structure model' 'Data collection'           
# 
loop_
_pdbx_audit_revision_category.ordinal 
_pdbx_audit_revision_category.revision_ordinal 
_pdbx_audit_revision_category.data_content_type 
_pdbx_audit_revision_category.category 
1 4 'Structure model' database_2            
2 4 'Structure model' pdbx_database_status  
3 4 'Structure model' pdbx_nmr_software     
4 4 'Structure model' pdbx_struct_assembly  
5 4 'Structure model' pdbx_struct_oper_list 
6 4 'Structure model' struct_keywords       
7 5 'Structure model' chem_comp_atom        
8 5 'Structure model' chem_comp_bond        
# 
loop_
_pdbx_audit_revision_item.ordinal 
_pdbx_audit_revision_item.revision_ordinal 
_pdbx_audit_revision_item.data_content_type 
_pdbx_audit_revision_item.item 
1 4 'Structure model' '_database_2.pdbx_DOI'                
2 4 'Structure model' '_database_2.pdbx_database_accession' 
3 4 'Structure model' '_pdbx_database_status.process_site'  
4 4 'Structure model' '_pdbx_nmr_software.name'             
5 4 'Structure model' '_struct_keywords.text'               
# 
_pdbx_database_status.status_code                     REL 
_pdbx_database_status.entry_id                        169D 
_pdbx_database_status.recvd_initial_deposition_date   1994-04-11 
_pdbx_database_status.deposit_site                    ? 
_pdbx_database_status.process_site                    BNL 
_pdbx_database_status.SG_entry                        . 
_pdbx_database_status.status_code_sf                  ? 
_pdbx_database_status.status_code_mr                  ? 
_pdbx_database_status.pdb_format_compatible           Y 
_pdbx_database_status.status_code_cs                  ? 
_pdbx_database_status.status_code_nmr_data            ? 
_pdbx_database_status.methods_development_category    ? 
# 
loop_
_audit_author.name 
_audit_author.pdbx_ordinal 
'Salazar, M.'    1 
'Fedoroff, O.Y.' 2 
'Zhu, L.'        3 
'Reid, B.R.'     4 
# 
_citation.id                        primary 
_citation.title                     
;The solution structure of the r(gcg)d(TATACCC):d(GGGTATACGC) Okazaki fragment contains two distinct duplex morphologies connected by a junction.
;
_citation.journal_abbrev            J.Mol.Biol. 
_citation.journal_volume            241 
_citation.page_first                440 
_citation.page_last                 455 
_citation.year                      1994 
_citation.journal_id_ASTM           JMOBAK 
_citation.country                   UK 
_citation.journal_id_ISSN           0022-2836 
_citation.journal_id_CSD            0070 
_citation.book_publisher            ? 
_citation.pdbx_database_id_PubMed   8064857 
_citation.pdbx_database_id_DOI      10.1006/jmbi.1994.1519 
# 
loop_
_citation_author.citation_id 
_citation_author.name 
_citation_author.ordinal 
_citation_author.identifier_ORCID 
primary 'Salazar, M.'      1 ? 
primary 'Fedoroff, O.Y.u.' 2 ? 
primary 'Zhu, L.'          3 ? 
primary 'Reid, B.R.'       4 ? 
# 
loop_
_entity.id 
_entity.type 
_entity.src_method 
_entity.pdbx_description 
_entity.formula_weight 
_entity.pdbx_number_of_molecules 
_entity.pdbx_ec 
_entity.pdbx_mutation 
_entity.pdbx_fragment 
_entity.details 
1 polymer syn 
;DNA (5'-D(*GP*GP*GP*TP*AP*TP*AP*CP*GP*C)-3')
;
3085.029 1 ? ? ? ? 
2 polymer syn 
;DNA/RNA (5'-R(*GP*CP*G)-D(P*TP*AP*TP*AP*CP*CP*C)-3')
;
3052.981 1 ? ? ? ? 
# 
loop_
_entity_poly.entity_id 
_entity_poly.type 
_entity_poly.nstd_linkage 
_entity_poly.nstd_monomer 
_entity_poly.pdbx_seq_one_letter_code 
_entity_poly.pdbx_seq_one_letter_code_can 
_entity_poly.pdbx_strand_id 
_entity_poly.pdbx_target_identifier 
1 polydeoxyribonucleotide                             no no '(DG)(DG)(DG)(DT)(DA)(DT)(DA)(DC)(DG)(DC)' GGGTATACGC A ? 
2 'polydeoxyribonucleotide/polyribonucleotide hybrid' no no 'GCG(DT)(DA)(DT)(DA)(DC)(DC)(DC)'          GCGTATACCC B ? 
# 
loop_
_entity_poly_seq.entity_id 
_entity_poly_seq.num 
_entity_poly_seq.mon_id 
_entity_poly_seq.hetero 
1 1  DG n 
1 2  DG n 
1 3  DG n 
1 4  DT n 
1 5  DA n 
1 6  DT n 
1 7  DA n 
1 8  DC n 
1 9  DG n 
1 10 DC n 
2 1  G  n 
2 2  C  n 
2 3  G  n 
2 4  DT n 
2 5  DA n 
2 6  DT n 
2 7  DA n 
2 8  DC n 
2 9  DC n 
2 10 DC n 
# 
loop_
_pdbx_entity_src_syn.entity_id 
_pdbx_entity_src_syn.pdbx_src_id 
_pdbx_entity_src_syn.pdbx_alt_source_flag 
_pdbx_entity_src_syn.pdbx_beg_seq_num 
_pdbx_entity_src_syn.pdbx_end_seq_num 
_pdbx_entity_src_syn.organism_scientific 
_pdbx_entity_src_syn.organism_common_name 
_pdbx_entity_src_syn.ncbi_taxonomy_id 
_pdbx_entity_src_syn.details 
1 1 sample ? ? ? ? ? 'CHEMICALLY SYNTHESIZED' 
2 1 sample ? ? ? ? ? 'CHEMICALLY SYNTHESIZED' 
# 
loop_
_chem_comp.id 
_chem_comp.type 
_chem_comp.mon_nstd_flag 
_chem_comp.name 
_chem_comp.pdbx_synonyms 
_chem_comp.formula 
_chem_comp.formula_weight 
C  'RNA linking' y "CYTIDINE-5'-MONOPHOSPHATE"          ? 'C9 H14 N3 O8 P'  323.197 
DA 'DNA linking' y "2'-DEOXYADENOSINE-5'-MONOPHOSPHATE" ? 'C10 H14 N5 O6 P' 331.222 
DC 'DNA linking' y "2'-DEOXYCYTIDINE-5'-MONOPHOSPHATE"  ? 'C9 H14 N3 O7 P'  307.197 
DG 'DNA linking' y "2'-DEOXYGUANOSINE-5'-MONOPHOSPHATE" ? 'C10 H14 N5 O7 P' 347.221 
DT 'DNA linking' y "THYMIDINE-5'-MONOPHOSPHATE"         ? 'C10 H15 N2 O8 P' 322.208 
G  'RNA linking' y "GUANOSINE-5'-MONOPHOSPHATE"         ? 'C10 H14 N5 O8 P' 363.221 
# 
loop_
_pdbx_poly_seq_scheme.asym_id 
_pdbx_poly_seq_scheme.entity_id 
_pdbx_poly_seq_scheme.seq_id 
_pdbx_poly_seq_scheme.mon_id 
_pdbx_poly_seq_scheme.ndb_seq_num 
_pdbx_poly_seq_scheme.pdb_seq_num 
_pdbx_poly_seq_scheme.auth_seq_num 
_pdbx_poly_seq_scheme.pdb_mon_id 
_pdbx_poly_seq_scheme.auth_mon_id 
_pdbx_poly_seq_scheme.pdb_strand_id 
_pdbx_poly_seq_scheme.pdb_ins_code 
_pdbx_poly_seq_scheme.hetero 
A 1 1  DG 1  1  1  DG G A . n 
A 1 2  DG 2  2  2  DG G A . n 
A 1 3  DG 3  3  3  DG G A . n 
A 1 4  DT 4  4  4  DT T A . n 
A 1 5  DA 5  5  5  DA A A . n 
A 1 6  DT 6  6  6  DT T A . n 
A 1 7  DA 7  7  7  DA A A . n 
A 1 8  DC 8  8  8  DC C A . n 
A 1 9  DG 9  9  9  DG G A . n 
A 1 10 DC 10 10 10 DC C A . n 
B 2 1  G  1  11 11 G  G B . n 
B 2 2  C  2  12 12 C  C B . n 
B 2 3  G  3  13 13 G  G B . n 
B 2 4  DT 4  14 14 DT T B . n 
B 2 5  DA 5  15 15 DA A B . n 
B 2 6  DT 6  16 16 DT T B . n 
B 2 7  DA 7  17 17 DA A B . n 
B 2 8  DC 8  18 18 DC C B . n 
B 2 9  DC 9  19 19 DC C B . n 
B 2 10 DC 10 20 20 DC C B . n 
# 
_cell.entry_id           169D 
_cell.length_a           1.000 
_cell.length_b           1.000 
_cell.length_c           1.000 
_cell.angle_alpha        90.00 
_cell.angle_beta         90.00 
_cell.angle_gamma        90.00 
_cell.Z_PDB              1 
_cell.pdbx_unique_axis   ? 
# 
_symmetry.entry_id                         169D 
_symmetry.space_group_name_H-M             'P 1' 
_symmetry.pdbx_full_space_group_name_H-M   ? 
_symmetry.cell_setting                     ? 
_symmetry.Int_Tables_number                1 
# 
_exptl.entry_id          169D 
_exptl.method            'SOLUTION NMR' 
_exptl.crystals_number   ? 
# 
_struct.entry_id                  169D 
_struct.title                     
;THE SOLUTION STRUCTURE OF THE R(GCG)D(TATACCC):D(GGGTATACGC) OKAZAKI FRAGMENT CONTAINS TWO DISTINCT DUPLEX MORPHOLOGIES CONNECTED BY A JUNCTION
;
_struct.pdbx_model_details        ? 
_struct.pdbx_CASP_flag            ? 
_struct.pdbx_model_type_details   ? 
# 
_struct_keywords.entry_id        169D 
_struct_keywords.pdbx_keywords   'DNA-RNA HYBRID' 
_struct_keywords.text            'DOUBLE HELIX, DNA/RNA HYBRID, DNA-RNA HYBRID complex, DNA-RNA HYBRID' 
# 
loop_
_struct_asym.id 
_struct_asym.pdbx_blank_PDB_chainid_flag 
_struct_asym.pdbx_modified 
_struct_asym.entity_id 
_struct_asym.details 
A N N 1 ? 
B N N 2 ? 
# 
loop_
_struct_ref.id 
_struct_ref.entity_id 
_struct_ref.db_name 
_struct_ref.db_code 
_struct_ref.pdbx_db_accession 
_struct_ref.pdbx_align_begin 
_struct_ref.pdbx_seq_one_letter_code 
_struct_ref.pdbx_db_isoform 
1 1 PDB 169D 169D ? ? ? 
2 2 PDB 169D 169D ? ? ? 
# 
loop_
_struct_ref_seq.align_id 
_struct_ref_seq.ref_id 
_struct_ref_seq.pdbx_PDB_id_code 
_struct_ref_seq.pdbx_strand_id 
_struct_ref_seq.seq_align_beg 
_struct_ref_seq.pdbx_seq_align_beg_ins_code 
_struct_ref_seq.seq_align_end 
_struct_ref_seq.pdbx_seq_align_end_ins_code 
_struct_ref_seq.pdbx_db_accession 
_struct_ref_seq.db_align_beg 
_struct_ref_seq.pdbx_db_align_beg_ins_code 
_struct_ref_seq.db_align_end 
_struct_ref_seq.pdbx_db_align_end_ins_code 
_struct_ref_seq.pdbx_auth_seq_align_beg 
_struct_ref_seq.pdbx_auth_seq_align_end 
1 1 169D A 1 ? 10 ? 169D 1  ? 10 ? 1  10 
2 2 169D B 1 ? 10 ? 169D 11 ? 20 ? 11 20 
# 
_pdbx_struct_assembly.id                   1 
_pdbx_struct_assembly.details              author_defined_assembly 
_pdbx_struct_assembly.method_details       ? 
_pdbx_struct_assembly.oligomeric_details   dimeric 
_pdbx_struct_assembly.oligomeric_count     2 
# 
_pdbx_struct_assembly_gen.assembly_id       1 
_pdbx_struct_assembly_gen.oper_expression   1 
_pdbx_struct_assembly_gen.asym_id_list      A,B 
# 
_pdbx_struct_oper_list.id                   1 
_pdbx_struct_oper_list.type                 'identity operation' 
_pdbx_struct_oper_list.name                 1_555 
_pdbx_struct_oper_list.symmetry_operation   x,y,z 
_pdbx_struct_oper_list.matrix[1][1]         1.0000000000 
_pdbx_struct_oper_list.matrix[1][2]         0.0000000000 
_pdbx_struct_oper_list.matrix[1][3]         0.0000000000 
_pdbx_struct_oper_list.vector[1]            0.0000000000 
_pdbx_struct_oper_list.matrix[2][1]         0.0000000000 
_pdbx_struct_oper_list.matrix[2][2]         1.0000000000 
_pdbx_struct_oper_list.matrix[2][3]         0.0000000000 
_pdbx_struct_oper_list.vector[2]            0.0000000000 
_pdbx_struct_oper_list.matrix[3][1]         0.0000000000 
_pdbx_struct_oper_list.matrix[3][2]         0.0000000000 
_pdbx_struct_oper_list.matrix[3][3]         1.0000000000 
_pdbx_struct_oper_list.vector[3]            0.0000000000 
# 
_struct_biol.id        1 
_struct_biol.details   ? 
# 
loop_
_struct_conn.id 
_struct_conn.conn_type_id 
_struct_conn.pdbx_leaving_atom_flag 
_struct_conn.pdbx_PDB_id 
_struct_conn.ptnr1_label_asym_id 
_struct_conn.ptnr1_label_comp_id 
_struct_conn.ptnr1_label_seq_id 
_struct_conn.ptnr1_label_atom_id 
_struct_conn.pdbx_ptnr1_label_alt_id 
_struct_conn.pdbx_ptnr1_PDB_ins_code 
_struct_conn.pdbx_ptnr1_standard_comp_id 
_struct_conn.ptnr1_symmetry 
_struct_conn.ptnr2_label_asym_id 
_struct_conn.ptnr2_label_comp_id 
_struct_conn.ptnr2_label_seq_id 
_struct_conn.ptnr2_label_atom_id 
_struct_conn.pdbx_ptnr2_label_alt_id 
_struct_conn.pdbx_ptnr2_PDB_ins_code 
_struct_conn.ptnr1_auth_asym_id 
_struct_conn.ptnr1_auth_comp_id 
_struct_conn.ptnr1_auth_seq_id 
_struct_conn.ptnr2_auth_asym_id 
_struct_conn.ptnr2_auth_comp_id 
_struct_conn.ptnr2_auth_seq_id 
_struct_conn.ptnr2_symmetry 
_struct_conn.pdbx_ptnr3_label_atom_id 
_struct_conn.pdbx_ptnr3_label_seq_id 
_struct_conn.pdbx_ptnr3_label_comp_id 
_struct_conn.pdbx_ptnr3_label_asym_id 
_struct_conn.pdbx_ptnr3_label_alt_id 
_struct_conn.pdbx_ptnr3_PDB_ins_code 
_struct_conn.details 
_struct_conn.pdbx_dist_value 
_struct_conn.pdbx_value_order 
_struct_conn.pdbx_role 
hydrog1  hydrog ? ? A DG 1  N1 ? ? ? 1_555 B DC 10 N3 ? ? A DG 1  B DC 20 1_555 ? ? ? ? ? ? WATSON-CRICK ? ? ? 
hydrog2  hydrog ? ? A DG 1  N2 ? ? ? 1_555 B DC 10 O2 ? ? A DG 1  B DC 20 1_555 ? ? ? ? ? ? WATSON-CRICK ? ? ? 
hydrog3  hydrog ? ? A DG 1  O6 ? ? ? 1_555 B DC 10 N4 ? ? A DG 1  B DC 20 1_555 ? ? ? ? ? ? WATSON-CRICK ? ? ? 
hydrog4  hydrog ? ? A DG 2  N1 ? ? ? 1_555 B DC 9  N3 ? ? A DG 2  B DC 19 1_555 ? ? ? ? ? ? WATSON-CRICK ? ? ? 
hydrog5  hydrog ? ? A DG 2  N2 ? ? ? 1_555 B DC 9  O2 ? ? A DG 2  B DC 19 1_555 ? ? ? ? ? ? WATSON-CRICK ? ? ? 
hydrog6  hydrog ? ? A DG 2  O6 ? ? ? 1_555 B DC 9  N4 ? ? A DG 2  B DC 19 1_555 ? ? ? ? ? ? WATSON-CRICK ? ? ? 
hydrog7  hydrog ? ? A DG 3  N1 ? ? ? 1_555 B DC 8  N3 ? ? A DG 3  B DC 18 1_555 ? ? ? ? ? ? WATSON-CRICK ? ? ? 
hydrog8  hydrog ? ? A DG 3  N2 ? ? ? 1_555 B DC 8  O2 ? ? A DG 3  B DC 18 1_555 ? ? ? ? ? ? WATSON-CRICK ? ? ? 
hydrog9  hydrog ? ? A DG 3  O6 ? ? ? 1_555 B DC 8  N4 ? ? A DG 3  B DC 18 1_555 ? ? ? ? ? ? WATSON-CRICK ? ? ? 
hydrog10 hydrog ? ? A DT 4  N3 ? ? ? 1_555 B DA 7  N1 ? ? A DT 4  B DA 17 1_555 ? ? ? ? ? ? WATSON-CRICK ? ? ? 
hydrog11 hydrog ? ? A DT 4  O4 ? ? ? 1_555 B DA 7  N6 ? ? A DT 4  B DA 17 1_555 ? ? ? ? ? ? WATSON-CRICK ? ? ? 
hydrog12 hydrog ? ? A DA 5  N1 ? ? ? 1_555 B DT 6  N3 ? ? A DA 5  B DT 16 1_555 ? ? ? ? ? ? WATSON-CRICK ? ? ? 
hydrog13 hydrog ? ? A DA 5  N6 ? ? ? 1_555 B DT 6  O4 ? ? A DA 5  B DT 16 1_555 ? ? ? ? ? ? WATSON-CRICK ? ? ? 
hydrog14 hydrog ? ? A DT 6  N3 ? ? ? 1_555 B DA 5  N1 ? ? A DT 6  B DA 15 1_555 ? ? ? ? ? ? WATSON-CRICK ? ? ? 
hydrog15 hydrog ? ? A DT 6  O4 ? ? ? 1_555 B DA 5  N6 ? ? A DT 6  B DA 15 1_555 ? ? ? ? ? ? WATSON-CRICK ? ? ? 
hydrog16 hydrog ? ? A DA 7  N1 ? ? ? 1_555 B DT 4  N3 ? ? A DA 7  B DT 14 1_555 ? ? ? ? ? ? WATSON-CRICK ? ? ? 
hydrog17 hydrog ? ? A DA 7  N6 ? ? ? 1_555 B DT 4  O4 ? ? A DA 7  B DT 14 1_555 ? ? ? ? ? ? WATSON-CRICK ? ? ? 
hydrog18 hydrog ? ? A DC 8  N3 ? ? ? 1_555 B G  3  N1 ? ? A DC 8  B G  13 1_555 ? ? ? ? ? ? WATSON-CRICK ? ? ? 
hydrog19 hydrog ? ? A DC 8  N4 ? ? ? 1_555 B G  3  O6 ? ? A DC 8  B G  13 1_555 ? ? ? ? ? ? WATSON-CRICK ? ? ? 
hydrog20 hydrog ? ? A DC 8  O2 ? ? ? 1_555 B G  3  N2 ? ? A DC 8  B G  13 1_555 ? ? ? ? ? ? WATSON-CRICK ? ? ? 
hydrog21 hydrog ? ? A DG 9  N1 ? ? ? 1_555 B C  2  N3 ? ? A DG 9  B C  12 1_555 ? ? ? ? ? ? WATSON-CRICK ? ? ? 
hydrog22 hydrog ? ? A DG 9  N2 ? ? ? 1_555 B C  2  O2 ? ? A DG 9  B C  12 1_555 ? ? ? ? ? ? WATSON-CRICK ? ? ? 
hydrog23 hydrog ? ? A DG 9  O6 ? ? ? 1_555 B C  2  N4 ? ? A DG 9  B C  12 1_555 ? ? ? ? ? ? WATSON-CRICK ? ? ? 
hydrog24 hydrog ? ? A DC 10 N3 ? ? ? 1_555 B G  1  N1 ? ? A DC 10 B G  11 1_555 ? ? ? ? ? ? WATSON-CRICK ? ? ? 
hydrog25 hydrog ? ? A DC 10 N4 ? ? ? 1_555 B G  1  O6 ? ? A DC 10 B G  11 1_555 ? ? ? ? ? ? WATSON-CRICK ? ? ? 
hydrog26 hydrog ? ? A DC 10 O2 ? ? ? 1_555 B G  1  N2 ? ? A DC 10 B G  11 1_555 ? ? ? ? ? ? WATSON-CRICK ? ? ? 
# 
_struct_conn_type.id          hydrog 
_struct_conn_type.criteria    ? 
_struct_conn_type.reference   ? 
# 
loop_
_pdbx_validate_rmsd_angle.id 
_pdbx_validate_rmsd_angle.PDB_model_num 
_pdbx_validate_rmsd_angle.auth_atom_id_1 
_pdbx_validate_rmsd_angle.auth_asym_id_1 
_pdbx_validate_rmsd_angle.auth_comp_id_1 
_pdbx_validate_rmsd_angle.auth_seq_id_1 
_pdbx_validate_rmsd_angle.PDB_ins_code_1 
_pdbx_validate_rmsd_angle.label_alt_id_1 
_pdbx_validate_rmsd_angle.auth_atom_id_2 
_pdbx_validate_rmsd_angle.auth_asym_id_2 
_pdbx_validate_rmsd_angle.auth_comp_id_2 
_pdbx_validate_rmsd_angle.auth_seq_id_2 
_pdbx_validate_rmsd_angle.PDB_ins_code_2 
_pdbx_validate_rmsd_angle.label_alt_id_2 
_pdbx_validate_rmsd_angle.auth_atom_id_3 
_pdbx_validate_rmsd_angle.auth_asym_id_3 
_pdbx_validate_rmsd_angle.auth_comp_id_3 
_pdbx_validate_rmsd_angle.auth_seq_id_3 
_pdbx_validate_rmsd_angle.PDB_ins_code_3 
_pdbx_validate_rmsd_angle.label_alt_id_3 
_pdbx_validate_rmsd_angle.angle_value 
_pdbx_validate_rmsd_angle.angle_target_value 
_pdbx_validate_rmsd_angle.angle_deviation 
_pdbx_validate_rmsd_angle.angle_standard_deviation 
_pdbx_validate_rmsd_angle.linker_flag 
1  1 "O4'" A DG 1  ? ? "C1'" A DG 1  ? ? N9 A DG 1  ? ? 110.91 108.30 2.61 0.30 N 
2  1 "O4'" A DG 2  ? ? "C1'" A DG 2  ? ? N9 A DG 2  ? ? 113.17 108.30 4.87 0.30 N 
3  1 "O4'" A DG 3  ? ? "C1'" A DG 3  ? ? N9 A DG 3  ? ? 111.84 108.30 3.54 0.30 N 
4  1 "O4'" A DT 4  ? ? "C1'" A DT 4  ? ? N1 A DT 4  ? ? 112.75 108.30 4.45 0.30 N 
5  1 "O4'" A DA 5  ? ? "C1'" A DA 5  ? ? N9 A DA 5  ? ? 113.06 108.30 4.76 0.30 N 
6  1 "O4'" A DT 6  ? ? "C1'" A DT 6  ? ? N1 A DT 6  ? ? 111.93 108.30 3.63 0.30 N 
7  1 "O4'" A DA 7  ? ? "C1'" A DA 7  ? ? N9 A DA 7  ? ? 111.94 108.30 3.64 0.30 N 
8  1 "O4'" A DC 8  ? ? "C1'" A DC 8  ? ? N1 A DC 8  ? ? 112.39 108.30 4.09 0.30 N 
9  1 "O4'" A DG 9  ? ? "C1'" A DG 9  ? ? N9 A DG 9  ? ? 112.75 108.30 4.45 0.30 N 
10 1 "O4'" A DC 10 ? ? "C1'" A DC 10 ? ? N1 A DC 10 ? ? 113.53 108.30 5.23 0.30 N 
11 1 "O4'" B C  12 ? ? "C1'" B C  12 ? ? N1 B C  12 ? ? 113.33 108.50 4.83 0.70 N 
12 1 "O4'" B DT 14 ? ? "C1'" B DT 14 ? ? N1 B DT 14 ? ? 110.61 108.30 2.31 0.30 N 
13 1 "O4'" B DA 15 ? ? "C1'" B DA 15 ? ? N9 B DA 15 ? ? 111.14 108.30 2.84 0.30 N 
14 1 "O4'" B DT 16 ? ? "C1'" B DT 16 ? ? N1 B DT 16 ? ? 112.98 108.30 4.68 0.30 N 
15 1 "O4'" B DA 17 ? ? "C1'" B DA 17 ? ? N9 B DA 17 ? ? 114.58 108.30 6.28 0.30 N 
16 1 "O4'" B DC 18 ? ? "C1'" B DC 18 ? ? N1 B DC 18 ? ? 111.33 108.30 3.03 0.30 N 
17 1 "O4'" B DC 19 ? ? "C1'" B DC 19 ? ? N1 B DC 19 ? ? 112.35 108.30 4.05 0.30 N 
18 1 "O4'" B DC 20 ? ? "C1'" B DC 20 ? ? N1 B DC 20 ? ? 113.45 108.30 5.15 0.30 N 
# 
loop_
_pdbx_validate_planes.id 
_pdbx_validate_planes.PDB_model_num 
_pdbx_validate_planes.auth_comp_id 
_pdbx_validate_planes.auth_asym_id 
_pdbx_validate_planes.auth_seq_id 
_pdbx_validate_planes.PDB_ins_code 
_pdbx_validate_planes.label_alt_id 
_pdbx_validate_planes.rmsd 
_pdbx_validate_planes.type 
1 1 DA A 7  ? ? 0.067 'SIDE CHAIN' 
2 1 DG A 9  ? ? 0.078 'SIDE CHAIN' 
3 1 G  B 11 ? ? 0.069 'SIDE CHAIN' 
4 1 G  B 13 ? ? 0.082 'SIDE CHAIN' 
5 1 DT B 14 ? ? 0.068 'SIDE CHAIN' 
6 1 DA B 15 ? ? 0.070 'SIDE CHAIN' 
# 
_pdbx_nmr_ensemble.entry_id                                      169D 
_pdbx_nmr_ensemble.conformers_calculated_total_number            ? 
_pdbx_nmr_ensemble.conformers_submitted_total_number             1 
_pdbx_nmr_ensemble.conformer_selection_criteria                  ? 
_pdbx_nmr_ensemble.average_constraints_per_residue               ? 
_pdbx_nmr_ensemble.average_constraint_violations_per_residue     ? 
_pdbx_nmr_ensemble.maximum_distance_constraint_violation         ? 
_pdbx_nmr_ensemble.average_distance_constraint_violation         ? 
_pdbx_nmr_ensemble.maximum_upper_distance_constraint_violation   ? 
_pdbx_nmr_ensemble.maximum_lower_distance_constraint_violation   ? 
_pdbx_nmr_ensemble.distance_constraint_violation_method          ? 
_pdbx_nmr_ensemble.maximum_torsion_angle_constraint_violation    ? 
_pdbx_nmr_ensemble.average_torsion_angle_constraint_violation    ? 
_pdbx_nmr_ensemble.torsion_angle_constraint_violation_method     ? 
# 
_pdbx_nmr_refine.entry_id           169D 
_pdbx_nmr_refine.method             'MOLECULAR DYNAMICS, MATRIX RELAXATION' 
_pdbx_nmr_refine.details            
'FULL RELAXATION MATRIX SIMULATION OF THE TWO-DIMENSIONAL NUCLEAR OVERHAUSER EFFECT SPECTRA AT VARIOUS MIXING TIMES' 
_pdbx_nmr_refine.software_ordinal   1 
# 
_pdbx_nmr_software.name             Discover 
_pdbx_nmr_software.version          ? 
_pdbx_nmr_software.classification   refinement 
_pdbx_nmr_software.authors          'BIOSYM TECHNOLOGIES' 
_pdbx_nmr_software.ordinal          1 
# 
loop_
_chem_comp_atom.comp_id 
_chem_comp_atom.atom_id 
_chem_comp_atom.type_symbol 
_chem_comp_atom.pdbx_aromatic_flag 
_chem_comp_atom.pdbx_stereo_config 
_chem_comp_atom.pdbx_ordinal 
C  OP3    O N N 1   
C  P      P N N 2   
C  OP1    O N N 3   
C  OP2    O N N 4   
C  "O5'"  O N N 5   
C  "C5'"  C N N 6   
C  "C4'"  C N R 7   
C  "O4'"  O N N 8   
C  "C3'"  C N S 9   
C  "O3'"  O N N 10  
C  "C2'"  C N R 11  
C  "O2'"  O N N 12  
C  "C1'"  C N R 13  
C  N1     N N N 14  
C  C2     C N N 15  
C  O2     O N N 16  
C  N3     N N N 17  
C  C4     C N N 18  
C  N4     N N N 19  
C  C5     C N N 20  
C  C6     C N N 21  
C  HOP3   H N N 22  
C  HOP2   H N N 23  
C  "H5'"  H N N 24  
C  "H5''" H N N 25  
C  "H4'"  H N N 26  
C  "H3'"  H N N 27  
C  "HO3'" H N N 28  
C  "H2'"  H N N 29  
C  "HO2'" H N N 30  
C  "H1'"  H N N 31  
C  H41    H N N 32  
C  H42    H N N 33  
C  H5     H N N 34  
C  H6     H N N 35  
DA OP3    O N N 36  
DA P      P N N 37  
DA OP1    O N N 38  
DA OP2    O N N 39  
DA "O5'"  O N N 40  
DA "C5'"  C N N 41  
DA "C4'"  C N R 42  
DA "O4'"  O N N 43  
DA "C3'"  C N S 44  
DA "O3'"  O N N 45  
DA "C2'"  C N N 46  
DA "C1'"  C N R 47  
DA N9     N Y N 48  
DA C8     C Y N 49  
DA N7     N Y N 50  
DA C5     C Y N 51  
DA C6     C Y N 52  
DA N6     N N N 53  
DA N1     N Y N 54  
DA C2     C Y N 55  
DA N3     N Y N 56  
DA C4     C Y N 57  
DA HOP3   H N N 58  
DA HOP2   H N N 59  
DA "H5'"  H N N 60  
DA "H5''" H N N 61  
DA "H4'"  H N N 62  
DA "H3'"  H N N 63  
DA "HO3'" H N N 64  
DA "H2'"  H N N 65  
DA "H2''" H N N 66  
DA "H1'"  H N N 67  
DA H8     H N N 68  
DA H61    H N N 69  
DA H62    H N N 70  
DA H2     H N N 71  
DC OP3    O N N 72  
DC P      P N N 73  
DC OP1    O N N 74  
DC OP2    O N N 75  
DC "O5'"  O N N 76  
DC "C5'"  C N N 77  
DC "C4'"  C N R 78  
DC "O4'"  O N N 79  
DC "C3'"  C N S 80  
DC "O3'"  O N N 81  
DC "C2'"  C N N 82  
DC "C1'"  C N R 83  
DC N1     N N N 84  
DC C2     C N N 85  
DC O2     O N N 86  
DC N3     N N N 87  
DC C4     C N N 88  
DC N4     N N N 89  
DC C5     C N N 90  
DC C6     C N N 91  
DC HOP3   H N N 92  
DC HOP2   H N N 93  
DC "H5'"  H N N 94  
DC "H5''" H N N 95  
DC "H4'"  H N N 96  
DC "H3'"  H N N 97  
DC "HO3'" H N N 98  
DC "H2'"  H N N 99  
DC "H2''" H N N 100 
DC "H1'"  H N N 101 
DC H41    H N N 102 
DC H42    H N N 103 
DC H5     H N N 104 
DC H6     H N N 105 
DG OP3    O N N 106 
DG P      P N N 107 
DG OP1    O N N 108 
DG OP2    O N N 109 
DG "O5'"  O N N 110 
DG "C5'"  C N N 111 
DG "C4'"  C N R 112 
DG "O4'"  O N N 113 
DG "C3'"  C N S 114 
DG "O3'"  O N N 115 
DG "C2'"  C N N 116 
DG "C1'"  C N R 117 
DG N9     N Y N 118 
DG C8     C Y N 119 
DG N7     N Y N 120 
DG C5     C Y N 121 
DG C6     C N N 122 
DG O6     O N N 123 
DG N1     N N N 124 
DG C2     C N N 125 
DG N2     N N N 126 
DG N3     N N N 127 
DG C4     C Y N 128 
DG HOP3   H N N 129 
DG HOP2   H N N 130 
DG "H5'"  H N N 131 
DG "H5''" H N N 132 
DG "H4'"  H N N 133 
DG "H3'"  H N N 134 
DG "HO3'" H N N 135 
DG "H2'"  H N N 136 
DG "H2''" H N N 137 
DG "H1'"  H N N 138 
DG H8     H N N 139 
DG H1     H N N 140 
DG H21    H N N 141 
DG H22    H N N 142 
DT OP3    O N N 143 
DT P      P N N 144 
DT OP1    O N N 145 
DT OP2    O N N 146 
DT "O5'"  O N N 147 
DT "C5'"  C N N 148 
DT "C4'"  C N R 149 
DT "O4'"  O N N 150 
DT "C3'"  C N S 151 
DT "O3'"  O N N 152 
DT "C2'"  C N N 153 
DT "C1'"  C N R 154 
DT N1     N N N 155 
DT C2     C N N 156 
DT O2     O N N 157 
DT N3     N N N 158 
DT C4     C N N 159 
DT O4     O N N 160 
DT C5     C N N 161 
DT C7     C N N 162 
DT C6     C N N 163 
DT HOP3   H N N 164 
DT HOP2   H N N 165 
DT "H5'"  H N N 166 
DT "H5''" H N N 167 
DT "H4'"  H N N 168 
DT "H3'"  H N N 169 
DT "HO3'" H N N 170 
DT "H2'"  H N N 171 
DT "H2''" H N N 172 
DT "H1'"  H N N 173 
DT H3     H N N 174 
DT H71    H N N 175 
DT H72    H N N 176 
DT H73    H N N 177 
DT H6     H N N 178 
G  OP3    O N N 179 
G  P      P N N 180 
G  OP1    O N N 181 
G  OP2    O N N 182 
G  "O5'"  O N N 183 
G  "C5'"  C N N 184 
G  "C4'"  C N R 185 
G  "O4'"  O N N 186 
G  "C3'"  C N S 187 
G  "O3'"  O N N 188 
G  "C2'"  C N R 189 
G  "O2'"  O N N 190 
G  "C1'"  C N R 191 
G  N9     N Y N 192 
G  C8     C Y N 193 
G  N7     N Y N 194 
G  C5     C Y N 195 
G  C6     C N N 196 
G  O6     O N N 197 
G  N1     N N N 198 
G  C2     C N N 199 
G  N2     N N N 200 
G  N3     N N N 201 
G  C4     C Y N 202 
G  HOP3   H N N 203 
G  HOP2   H N N 204 
G  "H5'"  H N N 205 
G  "H5''" H N N 206 
G  "H4'"  H N N 207 
G  "H3'"  H N N 208 
G  "HO3'" H N N 209 
G  "H2'"  H N N 210 
G  "HO2'" H N N 211 
G  "H1'"  H N N 212 
G  H8     H N N 213 
G  H1     H N N 214 
G  H21    H N N 215 
G  H22    H N N 216 
# 
loop_
_chem_comp_bond.comp_id 
_chem_comp_bond.atom_id_1 
_chem_comp_bond.atom_id_2 
_chem_comp_bond.value_order 
_chem_comp_bond.pdbx_aromatic_flag 
_chem_comp_bond.pdbx_stereo_config 
_chem_comp_bond.pdbx_ordinal 
C  OP3   P      sing N N 1   
C  OP3   HOP3   sing N N 2   
C  P     OP1    doub N N 3   
C  P     OP2    sing N N 4   
C  P     "O5'"  sing N N 5   
C  OP2   HOP2   sing N N 6   
C  "O5'" "C5'"  sing N N 7   
C  "C5'" "C4'"  sing N N 8   
C  "C5'" "H5'"  sing N N 9   
C  "C5'" "H5''" sing N N 10  
C  "C4'" "O4'"  sing N N 11  
C  "C4'" "C3'"  sing N N 12  
C  "C4'" "H4'"  sing N N 13  
C  "O4'" "C1'"  sing N N 14  
C  "C3'" "O3'"  sing N N 15  
C  "C3'" "C2'"  sing N N 16  
C  "C3'" "H3'"  sing N N 17  
C  "O3'" "HO3'" sing N N 18  
C  "C2'" "O2'"  sing N N 19  
C  "C2'" "C1'"  sing N N 20  
C  "C2'" "H2'"  sing N N 21  
C  "O2'" "HO2'" sing N N 22  
C  "C1'" N1     sing N N 23  
C  "C1'" "H1'"  sing N N 24  
C  N1    C2     sing N N 25  
C  N1    C6     sing N N 26  
C  C2    O2     doub N N 27  
C  C2    N3     sing N N 28  
C  N3    C4     doub N N 29  
C  C4    N4     sing N N 30  
C  C4    C5     sing N N 31  
C  N4    H41    sing N N 32  
C  N4    H42    sing N N 33  
C  C5    C6     doub N N 34  
C  C5    H5     sing N N 35  
C  C6    H6     sing N N 36  
DA OP3   P      sing N N 37  
DA OP3   HOP3   sing N N 38  
DA P     OP1    doub N N 39  
DA P     OP2    sing N N 40  
DA P     "O5'"  sing N N 41  
DA OP2   HOP2   sing N N 42  
DA "O5'" "C5'"  sing N N 43  
DA "C5'" "C4'"  sing N N 44  
DA "C5'" "H5'"  sing N N 45  
DA "C5'" "H5''" sing N N 46  
DA "C4'" "O4'"  sing N N 47  
DA "C4'" "C3'"  sing N N 48  
DA "C4'" "H4'"  sing N N 49  
DA "O4'" "C1'"  sing N N 50  
DA "C3'" "O3'"  sing N N 51  
DA "C3'" "C2'"  sing N N 52  
DA "C3'" "H3'"  sing N N 53  
DA "O3'" "HO3'" sing N N 54  
DA "C2'" "C1'"  sing N N 55  
DA "C2'" "H2'"  sing N N 56  
DA "C2'" "H2''" sing N N 57  
DA "C1'" N9     sing N N 58  
DA "C1'" "H1'"  sing N N 59  
DA N9    C8     sing Y N 60  
DA N9    C4     sing Y N 61  
DA C8    N7     doub Y N 62  
DA C8    H8     sing N N 63  
DA N7    C5     sing Y N 64  
DA C5    C6     sing Y N 65  
DA C5    C4     doub Y N 66  
DA C6    N6     sing N N 67  
DA C6    N1     doub Y N 68  
DA N6    H61    sing N N 69  
DA N6    H62    sing N N 70  
DA N1    C2     sing Y N 71  
DA C2    N3     doub Y N 72  
DA C2    H2     sing N N 73  
DA N3    C4     sing Y N 74  
DC OP3   P      sing N N 75  
DC OP3   HOP3   sing N N 76  
DC P     OP1    doub N N 77  
DC P     OP2    sing N N 78  
DC P     "O5'"  sing N N 79  
DC OP2   HOP2   sing N N 80  
DC "O5'" "C5'"  sing N N 81  
DC "C5'" "C4'"  sing N N 82  
DC "C5'" "H5'"  sing N N 83  
DC "C5'" "H5''" sing N N 84  
DC "C4'" "O4'"  sing N N 85  
DC "C4'" "C3'"  sing N N 86  
DC "C4'" "H4'"  sing N N 87  
DC "O4'" "C1'"  sing N N 88  
DC "C3'" "O3'"  sing N N 89  
DC "C3'" "C2'"  sing N N 90  
DC "C3'" "H3'"  sing N N 91  
DC "O3'" "HO3'" sing N N 92  
DC "C2'" "C1'"  sing N N 93  
DC "C2'" "H2'"  sing N N 94  
DC "C2'" "H2''" sing N N 95  
DC "C1'" N1     sing N N 96  
DC "C1'" "H1'"  sing N N 97  
DC N1    C2     sing N N 98  
DC N1    C6     sing N N 99  
DC C2    O2     doub N N 100 
DC C2    N3     sing N N 101 
DC N3    C4     doub N N 102 
DC C4    N4     sing N N 103 
DC C4    C5     sing N N 104 
DC N4    H41    sing N N 105 
DC N4    H42    sing N N 106 
DC C5    C6     doub N N 107 
DC C5    H5     sing N N 108 
DC C6    H6     sing N N 109 
DG OP3   P      sing N N 110 
DG OP3   HOP3   sing N N 111 
DG P     OP1    doub N N 112 
DG P     OP2    sing N N 113 
DG P     "O5'"  sing N N 114 
DG OP2   HOP2   sing N N 115 
DG "O5'" "C5'"  sing N N 116 
DG "C5'" "C4'"  sing N N 117 
DG "C5'" "H5'"  sing N N 118 
DG "C5'" "H5''" sing N N 119 
DG "C4'" "O4'"  sing N N 120 
DG "C4'" "C3'"  sing N N 121 
DG "C4'" "H4'"  sing N N 122 
DG "O4'" "C1'"  sing N N 123 
DG "C3'" "O3'"  sing N N 124 
DG "C3'" "C2'"  sing N N 125 
DG "C3'" "H3'"  sing N N 126 
DG "O3'" "HO3'" sing N N 127 
DG "C2'" "C1'"  sing N N 128 
DG "C2'" "H2'"  sing N N 129 
DG "C2'" "H2''" sing N N 130 
DG "C1'" N9     sing N N 131 
DG "C1'" "H1'"  sing N N 132 
DG N9    C8     sing Y N 133 
DG N9    C4     sing Y N 134 
DG C8    N7     doub Y N 135 
DG C8    H8     sing N N 136 
DG N7    C5     sing Y N 137 
DG C5    C6     sing N N 138 
DG C5    C4     doub Y N 139 
DG C6    O6     doub N N 140 
DG C6    N1     sing N N 141 
DG N1    C2     sing N N 142 
DG N1    H1     sing N N 143 
DG C2    N2     sing N N 144 
DG C2    N3     doub N N 145 
DG N2    H21    sing N N 146 
DG N2    H22    sing N N 147 
DG N3    C4     sing N N 148 
DT OP3   P      sing N N 149 
DT OP3   HOP3   sing N N 150 
DT P     OP1    doub N N 151 
DT P     OP2    sing N N 152 
DT P     "O5'"  sing N N 153 
DT OP2   HOP2   sing N N 154 
DT "O5'" "C5'"  sing N N 155 
DT "C5'" "C4'"  sing N N 156 
DT "C5'" "H5'"  sing N N 157 
DT "C5'" "H5''" sing N N 158 
DT "C4'" "O4'"  sing N N 159 
DT "C4'" "C3'"  sing N N 160 
DT "C4'" "H4'"  sing N N 161 
DT "O4'" "C1'"  sing N N 162 
DT "C3'" "O3'"  sing N N 163 
DT "C3'" "C2'"  sing N N 164 
DT "C3'" "H3'"  sing N N 165 
DT "O3'" "HO3'" sing N N 166 
DT "C2'" "C1'"  sing N N 167 
DT "C2'" "H2'"  sing N N 168 
DT "C2'" "H2''" sing N N 169 
DT "C1'" N1     sing N N 170 
DT "C1'" "H1'"  sing N N 171 
DT N1    C2     sing N N 172 
DT N1    C6     sing N N 173 
DT C2    O2     doub N N 174 
DT C2    N3     sing N N 175 
DT N3    C4     sing N N 176 
DT N3    H3     sing N N 177 
DT C4    O4     doub N N 178 
DT C4    C5     sing N N 179 
DT C5    C7     sing N N 180 
DT C5    C6     doub N N 181 
DT C7    H71    sing N N 182 
DT C7    H72    sing N N 183 
DT C7    H73    sing N N 184 
DT C6    H6     sing N N 185 
G  OP3   P      sing N N 186 
G  OP3   HOP3   sing N N 187 
G  P     OP1    doub N N 188 
G  P     OP2    sing N N 189 
G  P     "O5'"  sing N N 190 
G  OP2   HOP2   sing N N 191 
G  "O5'" "C5'"  sing N N 192 
G  "C5'" "C4'"  sing N N 193 
G  "C5'" "H5'"  sing N N 194 
G  "C5'" "H5''" sing N N 195 
G  "C4'" "O4'"  sing N N 196 
G  "C4'" "C3'"  sing N N 197 
G  "C4'" "H4'"  sing N N 198 
G  "O4'" "C1'"  sing N N 199 
G  "C3'" "O3'"  sing N N 200 
G  "C3'" "C2'"  sing N N 201 
G  "C3'" "H3'"  sing N N 202 
G  "O3'" "HO3'" sing N N 203 
G  "C2'" "O2'"  sing N N 204 
G  "C2'" "C1'"  sing N N 205 
G  "C2'" "H2'"  sing N N 206 
G  "O2'" "HO2'" sing N N 207 
G  "C1'" N9     sing N N 208 
G  "C1'" "H1'"  sing N N 209 
G  N9    C8     sing Y N 210 
G  N9    C4     sing Y N 211 
G  C8    N7     doub Y N 212 
G  C8    H8     sing N N 213 
G  N7    C5     sing Y N 214 
G  C5    C6     sing N N 215 
G  C5    C4     doub Y N 216 
G  C6    O6     doub N N 217 
G  C6    N1     sing N N 218 
G  N1    C2     sing N N 219 
G  N1    H1     sing N N 220 
G  C2    N2     sing N N 221 
G  C2    N3     doub N N 222 
G  N2    H21    sing N N 223 
G  N2    H22    sing N N 224 
G  N3    C4     sing N N 225 
# 
loop_
_ndb_struct_conf_na.entry_id 
_ndb_struct_conf_na.feature 
169D 'double helix'        
169D 'b-form double helix' 
# 
loop_
_ndb_struct_na_base_pair.model_number 
_ndb_struct_na_base_pair.i_label_asym_id 
_ndb_struct_na_base_pair.i_label_comp_id 
_ndb_struct_na_base_pair.i_label_seq_id 
_ndb_struct_na_base_pair.i_symmetry 
_ndb_struct_na_base_pair.j_label_asym_id 
_ndb_struct_na_base_pair.j_label_comp_id 
_ndb_struct_na_base_pair.j_label_seq_id 
_ndb_struct_na_base_pair.j_symmetry 
_ndb_struct_na_base_pair.shear 
_ndb_struct_na_base_pair.stretch 
_ndb_struct_na_base_pair.stagger 
_ndb_struct_na_base_pair.buckle 
_ndb_struct_na_base_pair.propeller 
_ndb_struct_na_base_pair.opening 
_ndb_struct_na_base_pair.pair_number 
_ndb_struct_na_base_pair.pair_name 
_ndb_struct_na_base_pair.i_auth_asym_id 
_ndb_struct_na_base_pair.i_auth_seq_id 
_ndb_struct_na_base_pair.i_PDB_ins_code 
_ndb_struct_na_base_pair.j_auth_asym_id 
_ndb_struct_na_base_pair.j_auth_seq_id 
_ndb_struct_na_base_pair.j_PDB_ins_code 
_ndb_struct_na_base_pair.hbond_type_28 
_ndb_struct_na_base_pair.hbond_type_12 
1 A DG 1  1_555 B DC 10 1_555 0.306  -0.032 0.140  2.398   -2.745  -1.176 1  A_DG1:DC20_B A 1  ? B 20 ? 19 1 
1 A DG 2  1_555 B DC 9  1_555 -0.123 -0.075 -0.035 1.058   -6.274  -2.434 2  A_DG2:DC19_B A 2  ? B 19 ? 19 1 
1 A DG 3  1_555 B DC 8  1_555 -0.774 -0.191 -0.204 -7.257  -16.185 2.189  3  A_DG3:DC18_B A 3  ? B 18 ? 19 1 
1 A DT 4  1_555 B DA 7  1_555 0.269  -0.084 0.098  -8.539  -15.455 -4.478 4  A_DT4:DA17_B A 4  ? B 17 ? 20 1 
1 A DA 5  1_555 B DT 6  1_555 -0.184 -0.078 0.287  -8.927  -13.685 -4.031 5  A_DA5:DT16_B A 5  ? B 16 ? 20 1 
1 A DT 6  1_555 B DA 5  1_555 0.425  -0.176 0.580  -8.228  -13.737 -0.414 6  A_DT6:DA15_B A 6  ? B 15 ? 20 1 
1 A DA 7  1_555 B DT 4  1_555 -0.567 -0.185 0.754  12.659  -8.081  -0.742 7  A_DA7:DT14_B A 7  ? B 14 ? 20 1 
1 A DC 8  1_555 B G  3  1_555 0.870  -0.280 0.182  16.100  -21.289 -0.562 8  A_DC8:G13_B  A 8  ? B 13 ? 19 1 
1 A DG 9  1_555 B C  2  1_555 0.187  -0.078 0.288  -0.423  -22.668 -1.439 9  A_DG9:C12_B  A 9  ? B 12 ? 19 1 
1 A DC 10 1_555 B G  1  1_555 -0.087 -0.119 0.640  -10.500 -18.309 -7.062 10 A_DC10:G11_B A 10 ? B 11 ? 19 1 
# 
loop_
_ndb_struct_na_base_pair_step.model_number 
_ndb_struct_na_base_pair_step.i_label_asym_id_1 
_ndb_struct_na_base_pair_step.i_label_comp_id_1 
_ndb_struct_na_base_pair_step.i_label_seq_id_1 
_ndb_struct_na_base_pair_step.i_symmetry_1 
_ndb_struct_na_base_pair_step.j_label_asym_id_1 
_ndb_struct_na_base_pair_step.j_label_comp_id_1 
_ndb_struct_na_base_pair_step.j_label_seq_id_1 
_ndb_struct_na_base_pair_step.j_symmetry_1 
_ndb_struct_na_base_pair_step.i_label_asym_id_2 
_ndb_struct_na_base_pair_step.i_label_comp_id_2 
_ndb_struct_na_base_pair_step.i_label_seq_id_2 
_ndb_struct_na_base_pair_step.i_symmetry_2 
_ndb_struct_na_base_pair_step.j_label_asym_id_2 
_ndb_struct_na_base_pair_step.j_label_comp_id_2 
_ndb_struct_na_base_pair_step.j_label_seq_id_2 
_ndb_struct_na_base_pair_step.j_symmetry_2 
_ndb_struct_na_base_pair_step.shift 
_ndb_struct_na_base_pair_step.slide 
_ndb_struct_na_base_pair_step.rise 
_ndb_struct_na_base_pair_step.tilt 
_ndb_struct_na_base_pair_step.roll 
_ndb_struct_na_base_pair_step.twist 
_ndb_struct_na_base_pair_step.x_displacement 
_ndb_struct_na_base_pair_step.y_displacement 
_ndb_struct_na_base_pair_step.helical_rise 
_ndb_struct_na_base_pair_step.inclination 
_ndb_struct_na_base_pair_step.tip 
_ndb_struct_na_base_pair_step.helical_twist 
_ndb_struct_na_base_pair_step.step_number 
_ndb_struct_na_base_pair_step.step_name 
_ndb_struct_na_base_pair_step.i_auth_asym_id_1 
_ndb_struct_na_base_pair_step.i_auth_seq_id_1 
_ndb_struct_na_base_pair_step.i_PDB_ins_code_1 
_ndb_struct_na_base_pair_step.j_auth_asym_id_1 
_ndb_struct_na_base_pair_step.j_auth_seq_id_1 
_ndb_struct_na_base_pair_step.j_PDB_ins_code_1 
_ndb_struct_na_base_pair_step.i_auth_asym_id_2 
_ndb_struct_na_base_pair_step.i_auth_seq_id_2 
_ndb_struct_na_base_pair_step.i_PDB_ins_code_2 
_ndb_struct_na_base_pair_step.j_auth_asym_id_2 
_ndb_struct_na_base_pair_step.j_auth_seq_id_2 
_ndb_struct_na_base_pair_step.j_PDB_ins_code_2 
1 A DG 1 1_555 B DC 10 1_555 A DG 2  1_555 B DC 9 1_555 -0.155 -1.816 3.109 1.800  4.294  27.172 -4.764 0.723  2.778 9.056  -3.796 
27.561 1 AA_DG1DG2:DC19DC20_BB A 1 ? B 20 ? A 2  ? B 19 ? 
1 A DG 2 1_555 B DC 9  1_555 A DG 3  1_555 B DC 8 1_555 -0.122 -1.681 3.252 0.521  7.122  31.147 -4.266 0.311  2.806 13.050 -0.955 
31.935 2 AA_DG2DG3:DC18DC19_BB A 2 ? B 19 ? A 3  ? B 18 ? 
1 A DG 3 1_555 B DC 8  1_555 A DT 4  1_555 B DA 7 1_555 0.067  -1.533 3.148 -0.031 2.734  37.964 -2.679 -0.106 3.035 4.196  0.047  
38.059 3 AA_DG3DT4:DA17DC18_BB A 3 ? B 18 ? A 4  ? B 17 ? 
1 A DT 4 1_555 B DA 7  1_555 A DA 5  1_555 B DT 6 1_555 -0.130 -1.584 2.897 0.007  13.611 27.958 -5.000 0.244  1.935 26.292 -0.013 
31.036 4 AA_DT4DA5:DT16DA17_BB A 4 ? B 17 ? A 5  ? B 16 ? 
1 A DA 5 1_555 B DT 6  1_555 A DT 6  1_555 B DA 5 1_555 -0.158 -1.317 3.117 -1.024 0.922  34.450 -2.358 0.117  3.085 1.556  1.727  
34.477 5 AA_DA5DT6:DA15DT16_BB A 5 ? B 16 ? A 6  ? B 15 ? 
1 A DT 6 1_555 B DA 5  1_555 A DA 7  1_555 B DT 4 1_555 0.063  -1.548 2.280 -3.436 6.807  29.858 -3.772 -0.551 1.871 12.946 6.535  
30.795 6 AA_DT6DA7:DT14DA15_BB A 6 ? B 15 ? A 7  ? B 14 ? 
1 A DA 7 1_555 B DT 4  1_555 A DC 8  1_555 B G  3 1_555 -0.163 -1.173 3.052 2.372  4.153  36.214 -2.395 0.559  2.888 6.646  -3.795 
36.518 7 AA_DA7DC8:G13DT14_BB  A 7 ? B 14 ? A 8  ? B 13 ? 
1 A DC 8 1_555 B G  3  1_555 A DG 9  1_555 B C  2 1_555 -0.146 -1.752 3.128 -1.307 17.750 29.800 -5.187 0.081  1.832 31.253 2.301  
34.607 8 AA_DC8DG9:C12G13_BB   A 8 ? B 13 ? A 9  ? B 12 ? 
1 A DG 9 1_555 B C  2  1_555 A DC 10 1_555 B G  1 1_555 -0.136 -1.826 3.202 -2.796 4.518  30.041 -4.317 -0.265 2.903 8.632  5.342  
30.497 9 AA_DG9DC10:G11C12_BB  A 9 ? B 12 ? A 10 ? B 11 ? 
# 
_atom_sites.entry_id                    169D 
_atom_sites.fract_transf_matrix[1][1]   1.000000 
_atom_sites.fract_transf_matrix[1][2]   0.000000 
_atom_sites.fract_transf_matrix[1][3]   0.000000 
_atom_sites.fract_transf_matrix[2][1]   0.000000 
_atom_sites.fract_transf_matrix[2][2]   1.000000 
_atom_sites.fract_transf_matrix[2][3]   0.000000 
_atom_sites.fract_transf_matrix[3][1]   0.000000 
_atom_sites.fract_transf_matrix[3][2]   0.000000 
_atom_sites.fract_transf_matrix[3][3]   1.000000 
_atom_sites.fract_transf_vector[1]      0.00000 
_atom_sites.fract_transf_vector[2]      0.00000 
_atom_sites.fract_transf_vector[3]      0.00000 
# 
loop_
_atom_type.symbol 
C 
H 
N 
O 
P 
# 
loop_
_atom_site.group_PDB 
_atom_site.id 
_atom_site.type_symbol 
_atom_site.label_atom_id 
_atom_site.label_alt_id 
_atom_site.label_comp_id 
_atom_site.label_asym_id 
_atom_site.label_entity_id 
_atom_site.label_seq_id 
_atom_site.pdbx_PDB_ins_code 
_atom_site.Cartn_x 
_atom_site.Cartn_y 
_atom_site.Cartn_z 
_atom_site.occupancy 
_atom_site.B_iso_or_equiv 
_atom_site.pdbx_formal_charge 
_atom_site.auth_seq_id 
_atom_site.auth_comp_id 
_atom_site.auth_asym_id 
_atom_site.auth_atom_id 
_atom_site.pdbx_PDB_model_num 
ATOM 1   O "O5'"  . DG A 1 1  ? -11.716 13.448  -3.113  1.00 0.00 ? 1  DG A "O5'"  1 
ATOM 2   C "C5'"  . DG A 1 1  ? -10.375 13.248  -2.727  1.00 0.00 ? 1  DG A "C5'"  1 
ATOM 3   C "C4'"  . DG A 1 1  ? -10.326 12.415  -1.442  1.00 0.00 ? 1  DG A "C4'"  1 
ATOM 4   O "O4'"  . DG A 1 1  ? -10.873 11.129  -1.656  1.00 0.00 ? 1  DG A "O4'"  1 
ATOM 5   C "C3'"  . DG A 1 1  ? -8.884  12.176  -0.962  1.00 0.00 ? 1  DG A "C3'"  1 
ATOM 6   O "O3'"  . DG A 1 1  ? -8.633  12.950  0.202   1.00 0.00 ? 1  DG A "O3'"  1 
ATOM 7   C "C2'"  . DG A 1 1  ? -8.783  10.677  -0.722  1.00 0.00 ? 1  DG A "C2'"  1 
ATOM 8   C "C1'"  . DG A 1 1  ? -10.246 10.263  -0.733  1.00 0.00 ? 1  DG A "C1'"  1 
ATOM 9   N N9     . DG A 1 1  ? -10.430 8.857   -1.125  1.00 0.00 ? 1  DG A N9     1 
ATOM 10  C C8     . DG A 1 1  ? -10.275 8.284   -2.358  1.00 0.00 ? 1  DG A C8     1 
ATOM 11  N N7     . DG A 1 1  ? -10.555 7.009   -2.384  1.00 0.00 ? 1  DG A N7     1 
ATOM 12  C C5     . DG A 1 1  ? -10.931 6.717   -1.073  1.00 0.00 ? 1  DG A C5     1 
ATOM 13  C C6     . DG A 1 1  ? -11.357 5.490   -0.473  1.00 0.00 ? 1  DG A C6     1 
ATOM 14  O O6     . DG A 1 1  ? -11.465 4.389   -1.005  1.00 0.00 ? 1  DG A O6     1 
ATOM 15  N N1     . DG A 1 1  ? -11.677 5.634   0.881   1.00 0.00 ? 1  DG A N1     1 
ATOM 16  C C2     . DG A 1 1  ? -11.575 6.827   1.575   1.00 0.00 ? 1  DG A C2     1 
ATOM 17  N N2     . DG A 1 1  ? -11.869 6.817   2.876   1.00 0.00 ? 1  DG A N2     1 
ATOM 18  N N3     . DG A 1 1  ? -11.169 7.974   1.017   1.00 0.00 ? 1  DG A N3     1 
ATOM 19  C C4     . DG A 1 1  ? -10.866 7.851   -0.302  1.00 0.00 ? 1  DG A C4     1 
ATOM 20  H "H5'"  . DG A 1 1  ? -9.909  14.217  -2.548  1.00 0.00 ? 1  DG A "H5'"  1 
ATOM 21  H "H5''" . DG A 1 1  ? -9.842  12.738  -3.530  1.00 0.00 ? 1  DG A "H5''" 1 
ATOM 22  H "H4'"  . DG A 1 1  ? -10.917 12.932  -0.678  1.00 0.00 ? 1  DG A "H4'"  1 
ATOM 23  H "H3'"  . DG A 1 1  ? -8.190  12.366  -1.777  1.00 0.00 ? 1  DG A "H3'"  1 
ATOM 24  H "H2'"  . DG A 1 1  ? -8.209  10.259  -1.548  1.00 0.00 ? 1  DG A "H2'"  1 
ATOM 25  H "H2''" . DG A 1 1  ? -8.301  10.407  0.210   1.00 0.00 ? 1  DG A "H2''" 1 
ATOM 26  H "H1'"  . DG A 1 1  ? -10.639 10.418  0.269   1.00 0.00 ? 1  DG A "H1'"  1 
ATOM 27  H H8     . DG A 1 1  ? -9.954  8.865   -3.216  1.00 0.00 ? 1  DG A H8     1 
ATOM 28  H H1     . DG A 1 1  ? -11.986 4.809   1.388   1.00 0.00 ? 1  DG A H1     1 
ATOM 29  H H21    . DG A 1 1  ? -12.144 5.959   3.328   1.00 0.00 ? 1  DG A H21    1 
ATOM 30  H H22    . DG A 1 1  ? -11.766 7.665   3.415   1.00 0.00 ? 1  DG A H22    1 
ATOM 31  H "HO5'" . DG A 1 1  ? -12.131 12.590  -3.223  1.00 0.00 ? 1  DG A "HO5'" 1 
ATOM 32  P P      . DG A 1 2  ? -7.223  12.911  0.997   1.00 0.00 ? 2  DG A P      1 
ATOM 33  O OP1    . DG A 1 2  ? -7.105  14.166  1.771   1.00 0.00 ? 2  DG A OP1    1 
ATOM 34  O OP2    . DG A 1 2  ? -6.161  12.544  0.032   1.00 0.00 ? 2  DG A OP2    1 
ATOM 35  O "O5'"  . DG A 1 2  ? -7.393  11.688  2.046   1.00 0.00 ? 2  DG A "O5'"  1 
ATOM 36  C "C5'"  . DG A 1 2  ? -8.218  11.793  3.194   1.00 0.00 ? 2  DG A "C5'"  1 
ATOM 37  C "C4'"  . DG A 1 2  ? -8.244  10.477  3.987   1.00 0.00 ? 2  DG A "C4'"  1 
ATOM 38  O "O4'"  . DG A 1 2  ? -8.819  9.402   3.251   1.00 0.00 ? 2  DG A "O4'"  1 
ATOM 39  C "C3'"  . DG A 1 2  ? -6.845  10.027  4.432   1.00 0.00 ? 2  DG A "C3'"  1 
ATOM 40  O "O3'"  . DG A 1 2  ? -6.882  9.767   5.832   1.00 0.00 ? 2  DG A "O3'"  1 
ATOM 41  C "C2'"  . DG A 1 2  ? -6.646  8.781   3.593   1.00 0.00 ? 2  DG A "C2'"  1 
ATOM 42  C "C1'"  . DG A 1 2  ? -8.068  8.245   3.573   1.00 0.00 ? 2  DG A "C1'"  1 
ATOM 43  N N9     . DG A 1 2  ? -8.246  7.150   2.604   1.00 0.00 ? 2  DG A N9     1 
ATOM 44  C C8     . DG A 1 2  ? -7.979  7.171   1.268   1.00 0.00 ? 2  DG A C8     1 
ATOM 45  N N7     . DG A 1 2  ? -8.174  6.032   0.663   1.00 0.00 ? 2  DG A N7     1 
ATOM 46  C C5     . DG A 1 2  ? -8.614  5.190   1.680   1.00 0.00 ? 2  DG A C5     1 
ATOM 47  C C6     . DG A 1 2  ? -9.008  3.818   1.635   1.00 0.00 ? 2  DG A C6     1 
ATOM 48  O O6     . DG A 1 2  ? -9.014  3.074   0.660   1.00 0.00 ? 2  DG A O6     1 
ATOM 49  N N1     . DG A 1 2  ? -9.430  3.336   2.873   1.00 0.00 ? 2  DG A N1     1 
ATOM 50  C C2     . DG A 1 2  ? -9.466  4.100   4.028   1.00 0.00 ? 2  DG A C2     1 
ATOM 51  N N2     . DG A 1 2  ? -9.852  3.499   5.157   1.00 0.00 ? 2  DG A N2     1 
ATOM 52  N N3     . DG A 1 2  ? -9.094  5.389   4.073   1.00 0.00 ? 2  DG A N3     1 
ATOM 53  C C4     . DG A 1 2  ? -8.681  5.873   2.871   1.00 0.00 ? 2  DG A C4     1 
ATOM 54  H "H5'"  . DG A 1 2  ? -9.234  12.064  2.911   1.00 0.00 ? 2  DG A "H5'"  1 
ATOM 55  H "H5''" . DG A 1 2  ? -7.823  12.575  3.844   1.00 0.00 ? 2  DG A "H5''" 1 
ATOM 56  H "H4'"  . DG A 1 2  ? -8.855  10.631  4.876   1.00 0.00 ? 2  DG A "H4'"  1 
ATOM 57  H "H3'"  . DG A 1 2  ? -6.076  10.734  4.146   1.00 0.00 ? 2  DG A "H3'"  1 
ATOM 58  H "H2'"  . DG A 1 2  ? -6.307  9.099   2.609   1.00 0.00 ? 2  DG A "H2'"  1 
ATOM 59  H "H2''" . DG A 1 2  ? -5.917  8.106   4.012   1.00 0.00 ? 2  DG A "H2''" 1 
ATOM 60  H "H1'"  . DG A 1 2  ? -8.323  7.879   4.563   1.00 0.00 ? 2  DG A "H1'"  1 
ATOM 61  H H8     . DG A 1 2  ? -7.641  8.075   0.796   1.00 0.00 ? 2  DG A H8     1 
ATOM 62  H H1     . DG A 1 2  ? -9.711  2.359   2.919   1.00 0.00 ? 2  DG A H1     1 
ATOM 63  H H21    . DG A 1 2  ? -10.090 2.518   5.161   1.00 0.00 ? 2  DG A H21    1 
ATOM 64  H H22    . DG A 1 2  ? -9.852  4.024   6.019   1.00 0.00 ? 2  DG A H22    1 
ATOM 65  P P      . DG A 1 3  ? -5.602  9.264   6.687   1.00 0.00 ? 3  DG A P      1 
ATOM 66  O OP1    . DG A 1 3  ? -5.537  10.073  7.924   1.00 0.00 ? 3  DG A OP1    1 
ATOM 67  O OP2    . DG A 1 3  ? -4.426  9.206   5.791   1.00 0.00 ? 3  DG A OP2    1 
ATOM 68  O "O5'"  . DG A 1 3  ? -5.996  7.747   7.095   1.00 0.00 ? 3  DG A "O5'"  1 
ATOM 69  C "C5'"  . DG A 1 3  ? -6.901  7.469   8.154   1.00 0.00 ? 3  DG A "C5'"  1 
ATOM 70  C "C4'"  . DG A 1 3  ? -7.027  5.956   8.378   1.00 0.00 ? 3  DG A "C4'"  1 
ATOM 71  O "O4'"  . DG A 1 3  ? -7.427  5.305   7.181   1.00 0.00 ? 3  DG A "O4'"  1 
ATOM 72  C "C3'"  . DG A 1 3  ? -5.696  5.335   8.826   1.00 0.00 ? 3  DG A "C3'"  1 
ATOM 73  O "O3'"  . DG A 1 3  ? -5.894  4.513   9.976   1.00 0.00 ? 3  DG A "O3'"  1 
ATOM 74  C "C2'"  . DG A 1 3  ? -5.303  4.500   7.629   1.00 0.00 ? 3  DG A "C2'"  1 
ATOM 75  C "C1'"  . DG A 1 3  ? -6.660  4.124   7.065   1.00 0.00 ? 3  DG A "C1'"  1 
ATOM 76  N N9     . DG A 1 3  ? -6.519  3.699   5.667   1.00 0.00 ? 3  DG A N9     1 
ATOM 77  C C8     . DG A 1 3  ? -6.051  4.438   4.626   1.00 0.00 ? 3  DG A C8     1 
ATOM 78  N N7     . DG A 1 3  ? -6.025  3.798   3.487   1.00 0.00 ? 3  DG A N7     1 
ATOM 79  C C5     . DG A 1 3  ? -6.485  2.520   3.812   1.00 0.00 ? 3  DG A C5     1 
ATOM 80  C C6     . DG A 1 3  ? -6.673  1.355   3.002   1.00 0.00 ? 3  DG A C6     1 
ATOM 81  O O6     . DG A 1 3  ? -6.516  1.231   1.788   1.00 0.00 ? 3  DG A O6     1 
ATOM 82  N N1     . DG A 1 3  ? -7.075  0.249   3.752   1.00 0.00 ? 3  DG A N1     1 
ATOM 83  C C2     . DG A 1 3  ? -7.310  0.270   5.116   1.00 0.00 ? 3  DG A C2     1 
ATOM 84  N N2     . DG A 1 3  ? -7.669  -0.870  5.711   1.00 0.00 ? 3  DG A N2     1 
ATOM 85  N N3     . DG A 1 3  ? -7.176  1.370   5.865   1.00 0.00 ? 3  DG A N3     1 
ATOM 86  C C4     . DG A 1 3  ? -6.758  2.450   5.158   1.00 0.00 ? 3  DG A C4     1 
ATOM 87  H "H5'"  . DG A 1 3  ? -7.884  7.887   7.940   1.00 0.00 ? 3  DG A "H5'"  1 
ATOM 88  H "H5''" . DG A 1 3  ? -6.536  7.920   9.078   1.00 0.00 ? 3  DG A "H5''" 1 
ATOM 89  H "H4'"  . DG A 1 3  ? -7.784  5.774   9.142   1.00 0.00 ? 3  DG A "H4'"  1 
ATOM 90  H "H3'"  . DG A 1 3  ? -4.939  6.106   8.955   1.00 0.00 ? 3  DG A "H3'"  1 
ATOM 91  H "H2'"  . DG A 1 3  ? -4.722  5.109   6.937   1.00 0.00 ? 3  DG A "H2'"  1 
ATOM 92  H "H2''" . DG A 1 3  ? -4.740  3.635   7.926   1.00 0.00 ? 3  DG A "H2''" 1 
ATOM 93  H "H1'"  . DG A 1 3  ? -7.093  3.330   7.662   1.00 0.00 ? 3  DG A "H1'"  1 
ATOM 94  H H8     . DG A 1 3  ? -5.744  5.457   4.815   1.00 0.00 ? 3  DG A H8     1 
ATOM 95  H H1     . DG A 1 3  ? -7.200  -0.617  3.243   1.00 0.00 ? 3  DG A H1     1 
ATOM 96  H H21    . DG A 1 3  ? -7.749  -1.726  5.183   1.00 0.00 ? 3  DG A H21    1 
ATOM 97  H H22    . DG A 1 3  ? -7.828  -0.876  6.709   1.00 0.00 ? 3  DG A H22    1 
ATOM 98  P P      . DT A 1 4  ? -4.691  3.697   10.710  1.00 0.00 ? 4  DT A P      1 
ATOM 99  O OP1    . DT A 1 4  ? -5.125  3.417   12.096  1.00 0.00 ? 4  DT A OP1    1 
ATOM 100 O OP2    . DT A 1 4  ? -3.435  4.445   10.480  1.00 0.00 ? 4  DT A OP2    1 
ATOM 101 O "O5'"  . DT A 1 4  ? -4.569  2.275   9.926   1.00 0.00 ? 4  DT A "O5'"  1 
ATOM 102 C "C5'"  . DT A 1 4  ? -5.318  1.131   10.309  1.00 0.00 ? 4  DT A "C5'"  1 
ATOM 103 C "C4'"  . DT A 1 4  ? -5.054  -0.080  9.393   1.00 0.00 ? 4  DT A "C4'"  1 
ATOM 104 O "O4'"  . DT A 1 4  ? -5.199  0.210   8.007   1.00 0.00 ? 4  DT A "O4'"  1 
ATOM 105 C "C3'"  . DT A 1 4  ? -3.643  -0.667  9.563   1.00 0.00 ? 4  DT A "C3'"  1 
ATOM 106 O "O3'"  . DT A 1 4  ? -3.724  -1.955  10.166  1.00 0.00 ? 4  DT A "O3'"  1 
ATOM 107 C "C2'"  . DT A 1 4  ? -3.085  -0.728  8.148   1.00 0.00 ? 4  DT A "C2'"  1 
ATOM 108 C "C1'"  . DT A 1 4  ? -4.349  -0.679  7.294   1.00 0.00 ? 4  DT A "C1'"  1 
ATOM 109 N N1     . DT A 1 4  ? -4.085  -0.228  5.898   1.00 0.00 ? 4  DT A N1     1 
ATOM 110 C C2     . DT A 1 4  ? -4.266  -1.133  4.846   1.00 0.00 ? 4  DT A C2     1 
ATOM 111 O O2     . DT A 1 4  ? -4.660  -2.287  4.999   1.00 0.00 ? 4  DT A O2     1 
ATOM 112 N N3     . DT A 1 4  ? -3.966  -0.664  3.575   1.00 0.00 ? 4  DT A N3     1 
ATOM 113 C C4     . DT A 1 4  ? -3.452  0.586   3.267   1.00 0.00 ? 4  DT A C4     1 
ATOM 114 O O4     . DT A 1 4  ? -3.141  0.857   2.110   1.00 0.00 ? 4  DT A O4     1 
ATOM 115 C C5     . DT A 1 4  ? -3.329  1.477   4.405   1.00 0.00 ? 4  DT A C5     1 
ATOM 116 C C7     . DT A 1 4  ? -2.820  2.891   4.199   1.00 0.00 ? 4  DT A C7     1 
ATOM 117 C C6     . DT A 1 4  ? -3.644  1.049   5.653   1.00 0.00 ? 4  DT A C6     1 
ATOM 118 H "H5'"  . DT A 1 4  ? -6.384  1.352   10.312  1.00 0.00 ? 4  DT A "H5'"  1 
ATOM 119 H "H5''" . DT A 1 4  ? -5.040  0.848   11.326  1.00 0.00 ? 4  DT A "H5''" 1 
ATOM 120 H "H4'"  . DT A 1 4  ? -5.800  -0.830  9.672   1.00 0.00 ? 4  DT A "H4'"  1 
ATOM 121 H "H3'"  . DT A 1 4  ? -3.017  0.033   10.114  1.00 0.00 ? 4  DT A "H3'"  1 
ATOM 122 H "H2'"  . DT A 1 4  ? -2.484  0.174   8.015   1.00 0.00 ? 4  DT A "H2'"  1 
ATOM 123 H "H2''" . DT A 1 4  ? -2.482  -1.626  7.986   1.00 0.00 ? 4  DT A "H2''" 1 
ATOM 124 H "H1'"  . DT A 1 4  ? -4.775  -1.678  7.292   1.00 0.00 ? 4  DT A "H1'"  1 
ATOM 125 H H3     . DT A 1 4  ? -4.083  -1.323  2.815   1.00 0.00 ? 4  DT A H3     1 
ATOM 126 H H71    . DT A 1 4  ? -3.163  3.546   5.001   1.00 0.00 ? 4  DT A H71    1 
ATOM 127 H H72    . DT A 1 4  ? -1.730  2.881   4.185   1.00 0.00 ? 4  DT A H72    1 
ATOM 128 H H73    . DT A 1 4  ? -3.186  3.283   3.249   1.00 0.00 ? 4  DT A H73    1 
ATOM 129 H H6     . DT A 1 4  ? -3.538  1.726   6.484   1.00 0.00 ? 4  DT A H6     1 
ATOM 130 P P      . DA A 1 5  ? -2.421  -2.865  10.499  1.00 0.00 ? 5  DA A P      1 
ATOM 131 O OP1    . DA A 1 5  ? -2.788  -3.797  11.588  1.00 0.00 ? 5  DA A OP1    1 
ATOM 132 O OP2    . DA A 1 5  ? -1.263  -1.960  10.674  1.00 0.00 ? 5  DA A OP2    1 
ATOM 133 O "O5'"  . DA A 1 5  ? -2.167  -3.741  9.156   1.00 0.00 ? 5  DA A "O5'"  1 
ATOM 134 C "C5'"  . DA A 1 5  ? -2.947  -4.885  8.851   1.00 0.00 ? 5  DA A "C5'"  1 
ATOM 135 C "C4'"  . DA A 1 5  ? -2.533  -5.522  7.514   1.00 0.00 ? 5  DA A "C4'"  1 
ATOM 136 O "O4'"  . DA A 1 5  ? -2.681  -4.631  6.410   1.00 0.00 ? 5  DA A "O4'"  1 
ATOM 137 C "C3'"  . DA A 1 5  ? -1.075  -6.008  7.511   1.00 0.00 ? 5  DA A "C3'"  1 
ATOM 138 O "O3'"  . DA A 1 5  ? -1.047  -7.374  7.112   1.00 0.00 ? 5  DA A "O3'"  1 
ATOM 139 C "C2'"  . DA A 1 5  ? -0.435  -5.092  6.473   1.00 0.00 ? 5  DA A "C2'"  1 
ATOM 140 C "C1'"  . DA A 1 5  ? -1.605  -4.877  5.519   1.00 0.00 ? 5  DA A "C1'"  1 
ATOM 141 N N9     . DA A 1 5  ? -1.403  -3.785  4.539   1.00 0.00 ? 5  DA A N9     1 
ATOM 142 C C8     . DA A 1 5  ? -1.211  -2.454  4.780   1.00 0.00 ? 5  DA A C8     1 
ATOM 143 N N7     . DA A 1 5  ? -1.087  -1.713  3.717   1.00 0.00 ? 5  DA A N7     1 
ATOM 144 C C5     . DA A 1 5  ? -1.222  -2.623  2.678   1.00 0.00 ? 5  DA A C5     1 
ATOM 145 C C6     . DA A 1 5  ? -1.213  -2.480  1.276   1.00 0.00 ? 5  DA A C6     1 
ATOM 146 N N6     . DA A 1 5  ? -1.081  -1.295  0.670   1.00 0.00 ? 5  DA A N6     1 
ATOM 147 N N1     . DA A 1 5  ? -1.367  -3.583  0.517   1.00 0.00 ? 5  DA A N1     1 
ATOM 148 C C2     . DA A 1 5  ? -1.525  -4.761  1.118   1.00 0.00 ? 5  DA A C2     1 
ATOM 149 N N3     . DA A 1 5  ? -1.565  -5.024  2.422   1.00 0.00 ? 5  DA A N3     1 
ATOM 150 C C4     . DA A 1 5  ? -1.406  -3.894  3.165   1.00 0.00 ? 5  DA A C4     1 
ATOM 151 H "H5'"  . DA A 1 5  ? -4.004  -4.625  8.815   1.00 0.00 ? 5  DA A "H5'"  1 
ATOM 152 H "H5''" . DA A 1 5  ? -2.809  -5.629  9.636   1.00 0.00 ? 5  DA A "H5''" 1 
ATOM 153 H "H4'"  . DA A 1 5  ? -3.194  -6.377  7.357   1.00 0.00 ? 5  DA A "H4'"  1 
ATOM 154 H "H3'"  . DA A 1 5  ? -0.597  -5.882  8.482   1.00 0.00 ? 5  DA A "H3'"  1 
ATOM 155 H "H2'"  . DA A 1 5  ? -0.153  -4.149  6.944   1.00 0.00 ? 5  DA A "H2'"  1 
ATOM 156 H "H2''" . DA A 1 5  ? 0.429   -5.562  6.020   1.00 0.00 ? 5  DA A "H2''" 1 
ATOM 157 H "H1'"  . DA A 1 5  ? -1.771  -5.790  4.960   1.00 0.00 ? 5  DA A "H1'"  1 
ATOM 158 H H8     . DA A 1 5  ? -1.176  -2.065  5.776   1.00 0.00 ? 5  DA A H8     1 
ATOM 159 H H61    . DA A 1 5  ? -1.147  -1.228  -0.336  1.00 0.00 ? 5  DA A H61    1 
ATOM 160 H H62    . DA A 1 5  ? -1.019  -0.457  1.231   1.00 0.00 ? 5  DA A H62    1 
ATOM 161 H H2     . DA A 1 5  ? -1.645  -5.611  0.462   1.00 0.00 ? 5  DA A H2     1 
ATOM 162 P P      . DT A 1 6  ? 0.319   -8.245  7.043   1.00 0.00 ? 6  DT A P      1 
ATOM 163 O OP1    . DT A 1 6  ? 0.009   -9.617  7.507   1.00 0.00 ? 6  DT A OP1    1 
ATOM 164 O OP2    . DT A 1 6  ? 1.399   -7.478  7.701   1.00 0.00 ? 6  DT A OP2    1 
ATOM 165 O "O5'"  . DT A 1 6  ? 0.647   -8.311  5.460   1.00 0.00 ? 6  DT A "O5'"  1 
ATOM 166 C "C5'"  . DT A 1 6  ? -0.009  -9.231  4.604   1.00 0.00 ? 6  DT A "C5'"  1 
ATOM 167 C "C4'"  . DT A 1 6  ? 0.429   -9.026  3.149   1.00 0.00 ? 6  DT A "C4'"  1 
ATOM 168 O "O4'"  . DT A 1 6  ? 0.295   -7.668  2.761   1.00 0.00 ? 6  DT A "O4'"  1 
ATOM 169 C "C3'"  . DT A 1 6  ? 1.892   -9.430  2.902   1.00 0.00 ? 6  DT A "C3'"  1 
ATOM 170 O "O3'"  . DT A 1 6  ? 1.937   -10.483 1.946   1.00 0.00 ? 6  DT A "O3'"  1 
ATOM 171 C "C2'"  . DT A 1 6  ? 2.529   -8.147  2.398   1.00 0.00 ? 6  DT A "C2'"  1 
ATOM 172 C "C1'"  . DT A 1 6  ? 1.329   -7.397  1.836   1.00 0.00 ? 6  DT A "C1'"  1 
ATOM 173 N N1     . DT A 1 6  ? 1.575   -5.940  1.690   1.00 0.00 ? 6  DT A N1     1 
ATOM 174 C C2     . DT A 1 6  ? 1.586   -5.381  0.413   1.00 0.00 ? 6  DT A C2     1 
ATOM 175 O O2     . DT A 1 6  ? 1.436   -6.033  -0.617  1.00 0.00 ? 6  DT A O2     1 
ATOM 176 N N3     . DT A 1 6  ? 1.779   -4.011  0.350   1.00 0.00 ? 6  DT A N3     1 
ATOM 177 C C4     . DT A 1 6  ? 2.000   -3.163  1.423   1.00 0.00 ? 6  DT A C4     1 
ATOM 178 O O4     . DT A 1 6  ? 2.183   -1.964  1.222   1.00 0.00 ? 6  DT A O4     1 
ATOM 179 C C5     . DT A 1 6  ? 1.971   -3.822  2.718   1.00 0.00 ? 6  DT A C5     1 
ATOM 180 C C7     . DT A 1 6  ? 2.194   -3.012  3.980   1.00 0.00 ? 6  DT A C7     1 
ATOM 181 C C6     . DT A 1 6  ? 1.761   -5.160  2.804   1.00 0.00 ? 6  DT A C6     1 
ATOM 182 H "H5'"  . DT A 1 6  ? -1.090  -9.111  4.671   1.00 0.00 ? 6  DT A "H5'"  1 
ATOM 183 H "H5''" . DT A 1 6  ? 0.237   -10.252 4.902   1.00 0.00 ? 6  DT A "H5''" 1 
ATOM 184 H "H4'"  . DT A 1 6  ? -0.219  -9.626  2.509   1.00 0.00 ? 6  DT A "H4'"  1 
ATOM 185 H "H3'"  . DT A 1 6  ? 2.395   -9.685  3.832   1.00 0.00 ? 6  DT A "H3'"  1 
ATOM 186 H "H2'"  . DT A 1 6  ? 2.973   -7.657  3.264   1.00 0.00 ? 6  DT A "H2'"  1 
ATOM 187 H "H2''" . DT A 1 6  ? 3.284   -8.332  1.647   1.00 0.00 ? 6  DT A "H2''" 1 
ATOM 188 H "H1'"  . DT A 1 6  ? 1.077   -7.851  0.882   1.00 0.00 ? 6  DT A "H1'"  1 
ATOM 189 H H3     . DT A 1 6  ? 1.776   -3.604  -0.574  1.00 0.00 ? 6  DT A H3     1 
ATOM 190 H H71    . DT A 1 6  ? 3.263   -2.947  4.180   1.00 0.00 ? 6  DT A H71    1 
ATOM 191 H H72    . DT A 1 6  ? 1.794   -2.005  3.854   1.00 0.00 ? 6  DT A H72    1 
ATOM 192 H H73    . DT A 1 6  ? 1.698   -3.482  4.830   1.00 0.00 ? 6  DT A H73    1 
ATOM 193 H H6     . DT A 1 6  ? 1.722   -5.649  3.764   1.00 0.00 ? 6  DT A H6     1 
ATOM 194 P P      . DA A 1 7  ? 3.321   -11.162 1.444   1.00 0.00 ? 7  DA A P      1 
ATOM 195 O OP1    . DA A 1 7  ? 3.023   -12.554 1.040   1.00 0.00 ? 7  DA A OP1    1 
ATOM 196 O OP2    . DA A 1 7  ? 4.361   -10.903 2.466   1.00 0.00 ? 7  DA A OP2    1 
ATOM 197 O "O5'"  . DA A 1 7  ? 3.708   -10.323 0.115   1.00 0.00 ? 7  DA A "O5'"  1 
ATOM 198 C "C5'"  . DA A 1 7  ? 3.093   -10.583 -1.136  1.00 0.00 ? 7  DA A "C5'"  1 
ATOM 199 C "C4'"  . DA A 1 7  ? 3.638   -9.645  -2.222  1.00 0.00 ? 7  DA A "C4'"  1 
ATOM 200 O "O4'"  . DA A 1 7  ? 3.450   -8.271  -1.896  1.00 0.00 ? 7  DA A "O4'"  1 
ATOM 201 C "C3'"  . DA A 1 7  ? 5.138   -9.860  -2.471  1.00 0.00 ? 7  DA A "C3'"  1 
ATOM 202 O "O3'"  . DA A 1 7  ? 5.332   -10.201 -3.839  1.00 0.00 ? 7  DA A "O3'"  1 
ATOM 203 C "C2'"  . DA A 1 7  ? 5.728   -8.502  -2.112  1.00 0.00 ? 7  DA A "C2'"  1 
ATOM 204 C "C1'"  . DA A 1 7  ? 4.570   -7.555  -2.388  1.00 0.00 ? 7  DA A "C1'"  1 
ATOM 205 N N9     . DA A 1 7  ? 4.682   -6.210  -1.770  1.00 0.00 ? 7  DA A N9     1 
ATOM 206 C C8     . DA A 1 7  ? 4.771   -5.885  -0.443  1.00 0.00 ? 7  DA A C8     1 
ATOM 207 N N7     . DA A 1 7  ? 4.701   -4.608  -0.188  1.00 0.00 ? 7  DA A N7     1 
ATOM 208 C C5     . DA A 1 7  ? 4.550   -4.033  -1.444  1.00 0.00 ? 7  DA A C5     1 
ATOM 209 C C6     . DA A 1 7  ? 4.385   -2.699  -1.878  1.00 0.00 ? 7  DA A C6     1 
ATOM 210 N N6     . DA A 1 7  ? 4.286   -1.666  -1.032  1.00 0.00 ? 7  DA A N6     1 
ATOM 211 N N1     . DA A 1 7  ? 4.316   -2.461  -3.203  1.00 0.00 ? 7  DA A N1     1 
ATOM 212 C C2     . DA A 1 7  ? 4.392   -3.489  -4.048  1.00 0.00 ? 7  DA A C2     1 
ATOM 213 N N3     . DA A 1 7  ? 4.511   -4.784  -3.764  1.00 0.00 ? 7  DA A N3     1 
ATOM 214 C C4     . DA A 1 7  ? 4.581   -4.998  -2.421  1.00 0.00 ? 7  DA A C4     1 
ATOM 215 H "H5'"  . DA A 1 7  ? 2.012   -10.471 -1.068  1.00 0.00 ? 7  DA A "H5'"  1 
ATOM 216 H "H5''" . DA A 1 7  ? 3.309   -11.609 -1.437  1.00 0.00 ? 7  DA A "H5''" 1 
ATOM 217 H "H4'"  . DA A 1 7  ? 3.087   -9.851  -3.141  1.00 0.00 ? 7  DA A "H4'"  1 
ATOM 218 H "H3'"  . DA A 1 7  ? 5.566   -10.623 -1.820  1.00 0.00 ? 7  DA A "H3'"  1 
ATOM 219 H "H2'"  . DA A 1 7  ? 6.013   -8.489  -1.060  1.00 0.00 ? 7  DA A "H2'"  1 
ATOM 220 H "H2''" . DA A 1 7  ? 6.574   -8.305  -2.749  1.00 0.00 ? 7  DA A "H2''" 1 
ATOM 221 H "H1'"  . DA A 1 7  ? 4.522   -7.421  -3.462  1.00 0.00 ? 7  DA A "H1'"  1 
ATOM 222 H H8     . DA A 1 7  ? 4.868   -6.631  0.323   1.00 0.00 ? 7  DA A H8     1 
ATOM 223 H H61    . DA A 1 7  ? 4.177   -0.720  -1.377  1.00 0.00 ? 7  DA A H61    1 
ATOM 224 H H62    . DA A 1 7  ? 4.292   -1.840  -0.037  1.00 0.00 ? 7  DA A H62    1 
ATOM 225 H H2     . DA A 1 7  ? 4.354   -3.250  -5.101  1.00 0.00 ? 7  DA A H2     1 
ATOM 226 P P      . DC A 1 8  ? 6.783   -10.575 -4.459  1.00 0.00 ? 8  DC A P      1 
ATOM 227 O OP1    . DC A 1 8  ? 6.569   -11.468 -5.620  1.00 0.00 ? 8  DC A OP1    1 
ATOM 228 O OP2    . DC A 1 8  ? 7.667   -11.008 -3.355  1.00 0.00 ? 8  DC A OP2    1 
ATOM 229 O "O5'"  . DC A 1 8  ? 7.328   -9.156  -5.010  1.00 0.00 ? 8  DC A "O5'"  1 
ATOM 230 C "C5'"  . DC A 1 8  ? 6.909   -8.634  -6.257  1.00 0.00 ? 8  DC A "C5'"  1 
ATOM 231 C "C4'"  . DC A 1 8  ? 7.395   -7.190  -6.422  1.00 0.00 ? 8  DC A "C4'"  1 
ATOM 232 O "O4'"  . DC A 1 8  ? 7.020   -6.366  -5.328  1.00 0.00 ? 8  DC A "O4'"  1 
ATOM 233 C "C3'"  . DC A 1 8  ? 8.922   -7.087  -6.555  1.00 0.00 ? 8  DC A "C3'"  1 
ATOM 234 O "O3'"  . DC A 1 8  ? 9.252   -6.766  -7.901  1.00 0.00 ? 8  DC A "O3'"  1 
ATOM 235 C "C2'"  . DC A 1 8  ? 9.288   -5.977  -5.570  1.00 0.00 ? 8  DC A "C2'"  1 
ATOM 236 C "C1'"  . DC A 1 8  ? 7.949   -5.299  -5.296  1.00 0.00 ? 8  DC A "C1'"  1 
ATOM 237 N N1     . DC A 1 8  ? 7.889   -4.531  -4.018  1.00 0.00 ? 8  DC A N1     1 
ATOM 238 C C2     . DC A 1 8  ? 7.551   -3.175  -4.057  1.00 0.00 ? 8  DC A C2     1 
ATOM 239 O O2     . DC A 1 8  ? 7.350   -2.592  -5.119  1.00 0.00 ? 8  DC A O2     1 
ATOM 240 N N3     . DC A 1 8  ? 7.433   -2.494  -2.885  1.00 0.00 ? 8  DC A N3     1 
ATOM 241 C C4     . DC A 1 8  ? 7.641   -3.095  -1.706  1.00 0.00 ? 8  DC A C4     1 
ATOM 242 N N4     . DC A 1 8  ? 7.475   -2.377  -0.592  1.00 0.00 ? 8  DC A N4     1 
ATOM 243 C C5     . DC A 1 8  ? 7.977   -4.489  -1.634  1.00 0.00 ? 8  DC A C5     1 
ATOM 244 C C6     . DC A 1 8  ? 8.087   -5.154  -2.811  1.00 0.00 ? 8  DC A C6     1 
ATOM 245 H "H5'"  . DC A 1 8  ? 5.823   -8.659  -6.343  1.00 0.00 ? 8  DC A "H5'"  1 
ATOM 246 H "H5''" . DC A 1 8  ? 7.324   -9.241  -7.063  1.00 0.00 ? 8  DC A "H5''" 1 
ATOM 247 H "H4'"  . DC A 1 8  ? 6.931   -6.784  -7.323  1.00 0.00 ? 8  DC A "H4'"  1 
ATOM 248 H "H3'"  . DC A 1 8  ? 9.400   -8.015  -6.240  1.00 0.00 ? 8  DC A "H3'"  1 
ATOM 249 H "H2'"  . DC A 1 8  ? 9.726   -6.427  -4.681  1.00 0.00 ? 8  DC A "H2'"  1 
ATOM 250 H "H2''" . DC A 1 8  ? 9.983   -5.275  -6.005  1.00 0.00 ? 8  DC A "H2''" 1 
ATOM 251 H "H1'"  . DC A 1 8  ? 7.773   -4.642  -6.144  1.00 0.00 ? 8  DC A "H1'"  1 
ATOM 252 H H41    . DC A 1 8  ? 7.234   -1.397  -0.673  1.00 0.00 ? 8  DC A H41    1 
ATOM 253 H H42    . DC A 1 8  ? 7.611   -2.797  0.314   1.00 0.00 ? 8  DC A H42    1 
ATOM 254 H H5     . DC A 1 8  ? 8.138   -5.016  -0.705  1.00 0.00 ? 8  DC A H5     1 
ATOM 255 H H6     . DC A 1 8  ? 8.332   -6.199  -2.800  1.00 0.00 ? 8  DC A H6     1 
ATOM 256 P P      . DG A 1 9  ? 10.780  -6.646  -8.429  1.00 0.00 ? 9  DG A P      1 
ATOM 257 O OP1    . DG A 1 9  ? 10.768  -6.808  -9.899  1.00 0.00 ? 9  DG A OP1    1 
ATOM 258 O OP2    . DG A 1 9  ? 11.629  -7.529  -7.600  1.00 0.00 ? 9  DG A OP2    1 
ATOM 259 O "O5'"  . DG A 1 9  ? 11.177  -5.114  -8.098  1.00 0.00 ? 9  DG A "O5'"  1 
ATOM 260 C "C5'"  . DG A 1 9  ? 10.705  -4.036  -8.885  1.00 0.00 ? 9  DG A "C5'"  1 
ATOM 261 C "C4'"  . DG A 1 9  ? 11.047  -2.683  -8.246  1.00 0.00 ? 9  DG A "C4'"  1 
ATOM 262 O "O4'"  . DG A 1 9  ? 10.398  -2.526  -6.995  1.00 0.00 ? 9  DG A "O4'"  1 
ATOM 263 C "C3'"  . DG A 1 9  ? 12.548  -2.503  -7.939  1.00 0.00 ? 9  DG A "C3'"  1 
ATOM 264 O "O3'"  . DG A 1 9  ? 13.235  -1.779  -8.950  1.00 0.00 ? 9  DG A "O3'"  1 
ATOM 265 C "C2'"  . DG A 1 9  ? 12.583  -1.750  -6.620  1.00 0.00 ? 9  DG A "C2'"  1 
ATOM 266 C "C1'"  . DG A 1 9  ? 11.121  -1.541  -6.281  1.00 0.00 ? 9  DG A "C1'"  1 
ATOM 267 N N9     . DG A 1 9  ? 10.858  -1.579  -4.837  1.00 0.00 ? 9  DG A N9     1 
ATOM 268 C C8     . DG A 1 9  ? 10.829  -2.660  -4.011  1.00 0.00 ? 9  DG A C8     1 
ATOM 269 N N7     . DG A 1 9  ? 10.509  -2.383  -2.777  1.00 0.00 ? 9  DG A N7     1 
ATOM 270 C C5     . DG A 1 9  ? 10.329  -1.000  -2.786  1.00 0.00 ? 9  DG A C5     1 
ATOM 271 C C6     . DG A 1 9  ? 9.994   -0.095  -1.732  1.00 0.00 ? 9  DG A C6     1 
ATOM 272 O O6     . DG A 1 9  ? 9.664   -0.353  -0.577  1.00 0.00 ? 9  DG A O6     1 
ATOM 273 N N1     . DG A 1 9  ? 10.095  1.237   -2.127  1.00 0.00 ? 9  DG A N1     1 
ATOM 274 C C2     . DG A 1 9  ? 10.434  1.652   -3.400  1.00 0.00 ? 9  DG A C2     1 
ATOM 275 N N2     . DG A 1 9  ? 10.557  2.964   -3.610  1.00 0.00 ? 9  DG A N2     1 
ATOM 276 N N3     . DG A 1 9  ? 10.681  0.806   -4.406  1.00 0.00 ? 9  DG A N3     1 
ATOM 277 C C4     . DG A 1 9  ? 10.613  -0.498  -4.033  1.00 0.00 ? 9  DG A C4     1 
ATOM 278 H "H5'"  . DG A 1 9  ? 9.623   -4.104  -8.999  1.00 0.00 ? 9  DG A "H5'"  1 
ATOM 279 H "H5''" . DG A 1 9  ? 11.167  -4.085  -9.873  1.00 0.00 ? 9  DG A "H5''" 1 
ATOM 280 H "H4'"  . DG A 1 9  ? 10.667  -1.912  -8.925  1.00 0.00 ? 9  DG A "H4'"  1 
ATOM 281 H "H3'"  . DG A 1 9  ? 12.994  -3.471  -7.718  1.00 0.00 ? 9  DG A "H3'"  1 
ATOM 282 H "H2'"  . DG A 1 9  ? 13.177  -2.318  -5.909  1.00 0.00 ? 9  DG A "H2'"  1 
ATOM 283 H "H2''" . DG A 1 9  ? 12.987  -0.759  -6.722  1.00 0.00 ? 9  DG A "H2''" 1 
ATOM 284 H "H1'"  . DG A 1 9  ? 10.902  -0.539  -6.634  1.00 0.00 ? 9  DG A "H1'"  1 
ATOM 285 H H8     . DG A 1 9  ? 11.056  -3.638  -4.395  1.00 0.00 ? 9  DG A H8     1 
ATOM 286 H H1     . DG A 1 9  ? 9.911   1.939   -1.423  1.00 0.00 ? 9  DG A H1     1 
ATOM 287 H H21    . DG A 1 9  ? 10.394  3.620   -2.861  1.00 0.00 ? 9  DG A H21    1 
ATOM 288 H H22    . DG A 1 9  ? 10.810  3.297   -4.529  1.00 0.00 ? 9  DG A H22    1 
ATOM 289 P P      . DC A 1 10 ? 14.832  -1.472  -8.871  1.00 0.00 ? 10 DC A P      1 
ATOM 290 O OP1    . DC A 1 10 ? 15.236  -0.868  -10.160 1.00 0.00 ? 10 DC A OP1    1 
ATOM 291 O OP2    . DC A 1 10 ? 15.509  -2.701  -8.403  1.00 0.00 ? 10 DC A OP2    1 
ATOM 292 O "O5'"  . DC A 1 10 ? 15.024  -0.337  -7.720  1.00 0.00 ? 10 DC A "O5'"  1 
ATOM 293 C "C5'"  . DC A 1 10 ? 14.579  1.000   -7.896  1.00 0.00 ? 10 DC A "C5'"  1 
ATOM 294 C "C4'"  . DC A 1 10 ? 14.698  1.855   -6.618  1.00 0.00 ? 10 DC A "C4'"  1 
ATOM 295 O "O4'"  . DC A 1 10 ? 13.788  1.509   -5.580  1.00 0.00 ? 10 DC A "O4'"  1 
ATOM 296 C "C3'"  . DC A 1 10 ? 16.083  1.815   -5.960  1.00 0.00 ? 10 DC A "C3'"  1 
ATOM 297 O "O3'"  . DC A 1 10 ? 16.871  2.914   -6.362  1.00 0.00 ? 10 DC A "O3'"  1 
ATOM 298 C "C2'"  . DC A 1 10 ? 15.789  1.868   -4.460  1.00 0.00 ? 10 DC A "C2'"  1 
ATOM 299 C "C1'"  . DC A 1 10 ? 14.279  2.096   -4.378  1.00 0.00 ? 10 DC A "C1'"  1 
ATOM 300 N N1     . DC A 1 10 ? 13.744  1.457   -3.141  1.00 0.00 ? 10 DC A N1     1 
ATOM 301 C C2     . DC A 1 10 ? 13.465  2.230   -2.007  1.00 0.00 ? 10 DC A C2     1 
ATOM 302 O O2     . DC A 1 10 ? 13.534  3.457   -2.027  1.00 0.00 ? 10 DC A O2     1 
ATOM 303 N N3     . DC A 1 10 ? 13.113  1.585   -0.855  1.00 0.00 ? 10 DC A N3     1 
ATOM 304 C C4     . DC A 1 10 ? 13.049  0.245   -0.794  1.00 0.00 ? 10 DC A C4     1 
ATOM 305 N N4     . DC A 1 10 ? 12.691  -0.337  0.354   1.00 0.00 ? 10 DC A N4     1 
ATOM 306 C C5     . DC A 1 10 ? 13.330  -0.564  -1.943  1.00 0.00 ? 10 DC A C5     1 
ATOM 307 C C6     . DC A 1 10 ? 13.664  0.092   -3.076  1.00 0.00 ? 10 DC A C6     1 
ATOM 308 H "H5'"  . DC A 1 10 ? 13.539  1.009   -8.225  1.00 0.00 ? 10 DC A "H5'"  1 
ATOM 309 H "H5''" . DC A 1 10 ? 15.188  1.461   -8.674  1.00 0.00 ? 10 DC A "H5''" 1 
ATOM 310 H "H4'"  . DC A 1 10 ? 14.475  2.881   -6.923  1.00 0.00 ? 10 DC A "H4'"  1 
ATOM 311 H "H3'"  . DC A 1 10 ? 16.595  0.876   -6.174  1.00 0.00 ? 10 DC A "H3'"  1 
ATOM 312 H "HO3'" . DC A 1 10 ? 17.030  2.843   -7.307  1.00 0.00 ? 10 DC A "HO3'" 1 
ATOM 313 H "H2'"  . DC A 1 10 ? 16.057  0.900   -4.032  1.00 0.00 ? 10 DC A "H2'"  1 
ATOM 314 H "H2''" . DC A 1 10 ? 16.335  2.647   -3.934  1.00 0.00 ? 10 DC A "H2''" 1 
ATOM 315 H "H1'"  . DC A 1 10 ? 14.069  3.166   -4.397  1.00 0.00 ? 10 DC A "H1'"  1 
ATOM 316 H H41    . DC A 1 10 ? 12.415  0.235   1.140   1.00 0.00 ? 10 DC A H41    1 
ATOM 317 H H42    . DC A 1 10 ? 12.592  -1.340  0.401   1.00 0.00 ? 10 DC A H42    1 
ATOM 318 H H5     . DC A 1 10 ? 13.255  -1.644  -1.959  1.00 0.00 ? 10 DC A H5     1 
ATOM 319 H H6     . DC A 1 10 ? 13.898  -0.465  -3.957  1.00 0.00 ? 10 DC A H6     1 
ATOM 320 O "O5'"  . G  B 2 1  ? 7.920   5.480   7.668   1.00 0.00 ? 11 G  B "O5'"  1 
ATOM 321 C "C5'"  . G  B 2 1  ? 8.513   6.722   7.979   1.00 0.00 ? 11 G  B "C5'"  1 
ATOM 322 C "C4'"  . G  B 2 1  ? 9.462   7.183   6.869   1.00 0.00 ? 11 G  B "C4'"  1 
ATOM 323 O "O4'"  . G  B 2 1  ? 10.548  6.287   6.658   1.00 0.00 ? 11 G  B "O4'"  1 
ATOM 324 C "C3'"  . G  B 2 1  ? 8.796   7.340   5.501   1.00 0.00 ? 11 G  B "C3'"  1 
ATOM 325 O "O3'"  . G  B 2 1  ? 7.994   8.500   5.386   1.00 0.00 ? 11 G  B "O3'"  1 
ATOM 326 C "C2'"  . G  B 2 1  ? 10.059  7.418   4.656   1.00 0.00 ? 11 G  B "C2'"  1 
ATOM 327 O "O2'"  . G  B 2 1  ? 10.724  8.652   4.852   1.00 0.00 ? 11 G  B "O2'"  1 
ATOM 328 C "C1'"  . G  B 2 1  ? 10.874  6.288   5.268   1.00 0.00 ? 11 G  B "C1'"  1 
ATOM 329 N N9     . G  B 2 1  ? 10.580  4.966   4.658   1.00 0.00 ? 11 G  B N9     1 
ATOM 330 C C8     . G  B 2 1  ? 9.850   3.923   5.172   1.00 0.00 ? 11 G  B C8     1 
ATOM 331 N N7     . G  B 2 1  ? 9.927   2.819   4.485   1.00 0.00 ? 11 G  B N7     1 
ATOM 332 C C5     . G  B 2 1  ? 10.756  3.150   3.423   1.00 0.00 ? 11 G  B C5     1 
ATOM 333 C C6     . G  B 2 1  ? 11.216  2.340   2.342   1.00 0.00 ? 11 G  B C6     1 
ATOM 334 O O6     . G  B 2 1  ? 10.990  1.151   2.139   1.00 0.00 ? 11 G  B O6     1 
ATOM 335 N N1     . G  B 2 1  ? 11.977  3.060   1.426   1.00 0.00 ? 11 G  B N1     1 
ATOM 336 C C2     . G  B 2 1  ? 12.294  4.399   1.554   1.00 0.00 ? 11 G  B C2     1 
ATOM 337 N N2     . G  B 2 1  ? 12.996  4.947   0.556   1.00 0.00 ? 11 G  B N2     1 
ATOM 338 N N3     . G  B 2 1  ? 11.902  5.152   2.598   1.00 0.00 ? 11 G  B N3     1 
ATOM 339 C C4     . G  B 2 1  ? 11.132  4.472   3.494   1.00 0.00 ? 11 G  B C4     1 
ATOM 340 H "H5'"  . G  B 2 1  ? 9.062   6.635   8.917   1.00 0.00 ? 11 G  B "H5'"  1 
ATOM 341 H "H5''" . G  B 2 1  ? 7.722   7.463   8.102   1.00 0.00 ? 11 G  B "H5''" 1 
ATOM 342 H "H4'"  . G  B 2 1  ? 9.877   8.146   7.172   1.00 0.00 ? 11 G  B "H4'"  1 
ATOM 343 H "H3'"  . G  B 2 1  ? 8.235   6.435   5.258   1.00 0.00 ? 11 G  B "H3'"  1 
ATOM 344 H "H2'"  . G  B 2 1  ? 9.908   7.274   3.600   1.00 0.00 ? 11 G  B "H2'"  1 
ATOM 345 H "HO2'" . G  B 2 1  ? 10.114  9.361   4.635   1.00 0.00 ? 11 G  B "HO2'" 1 
ATOM 346 H "H1'"  . G  B 2 1  ? 11.921  6.498   5.084   1.00 0.00 ? 11 G  B "H1'"  1 
ATOM 347 H H8     . G  B 2 1  ? 9.276   3.984   6.082   1.00 0.00 ? 11 G  B H8     1 
ATOM 348 H H1     . G  B 2 1  ? 12.302  2.559   0.610   1.00 0.00 ? 11 G  B H1     1 
ATOM 349 H H21    . G  B 2 1  ? 13.236  4.401   -0.264  1.00 0.00 ? 11 G  B H21    1 
ATOM 350 H H22    . G  B 2 1  ? 13.224  5.930   0.593   1.00 0.00 ? 11 G  B H22    1 
ATOM 351 H "HO5'" . G  B 2 1  ? 7.309   5.249   8.371   1.00 0.00 ? 11 G  B "HO5'" 1 
ATOM 352 P P      . C  B 2 2  ? 6.811   8.594   4.289   1.00 0.00 ? 12 C  B P      1 
ATOM 353 O OP1    . C  B 2 2  ? 6.239   9.957   4.355   1.00 0.00 ? 12 C  B OP1    1 
ATOM 354 O OP2    . C  B 2 2  ? 5.929   7.421   4.477   1.00 0.00 ? 12 C  B OP2    1 
ATOM 355 O "O5'"  . C  B 2 2  ? 7.562   8.426   2.869   1.00 0.00 ? 12 C  B "O5'"  1 
ATOM 356 C "C5'"  . C  B 2 2  ? 8.276   9.492   2.278   1.00 0.00 ? 12 C  B "C5'"  1 
ATOM 357 C "C4'"  . C  B 2 2  ? 9.013   9.035   1.015   1.00 0.00 ? 12 C  B "C4'"  1 
ATOM 358 O "O4'"  . C  B 2 2  ? 9.886   7.936   1.258   1.00 0.00 ? 12 C  B "O4'"  1 
ATOM 359 C "C3'"  . C  B 2 2  ? 8.112   8.578   -0.131  1.00 0.00 ? 12 C  B "C3'"  1 
ATOM 360 O "O3'"  . C  B 2 2  ? 7.480   9.634   -0.829  1.00 0.00 ? 12 C  B "O3'"  1 
ATOM 361 C "C2'"  . C  B 2 2  ? 9.183   7.901   -0.976  1.00 0.00 ? 12 C  B "C2'"  1 
ATOM 362 O "O2'"  . C  B 2 2  ? 10.047  8.860   -1.558  1.00 0.00 ? 12 C  B "O2'"  1 
ATOM 363 C "C1'"  . C  B 2 2  ? 9.940   7.121   0.093   1.00 0.00 ? 12 C  B "C1'"  1 
ATOM 364 N N1     . C  B 2 2  ? 9.402   5.742   0.309   1.00 0.00 ? 12 C  B N1     1 
ATOM 365 C C2     . C  B 2 2  ? 9.789   4.757   -0.603  1.00 0.00 ? 12 C  B C2     1 
ATOM 366 O O2     . C  B 2 2  ? 10.477  5.038   -1.582  1.00 0.00 ? 12 C  B O2     1 
ATOM 367 N N3     . C  B 2 2  ? 9.398   3.469   -0.388  1.00 0.00 ? 12 C  B N3     1 
ATOM 368 C C4     . C  B 2 2  ? 8.627   3.143   0.660   1.00 0.00 ? 12 C  B C4     1 
ATOM 369 N N4     . C  B 2 2  ? 8.267   1.866   0.821   1.00 0.00 ? 12 C  B N4     1 
ATOM 370 C C5     . C  B 2 2  ? 8.239   4.128   1.628   1.00 0.00 ? 12 C  B C5     1 
ATOM 371 C C6     . C  B 2 2  ? 8.655   5.399   1.413   1.00 0.00 ? 12 C  B C6     1 
ATOM 372 H "H5'"  . C  B 2 2  ? 9.010   9.880   2.985   1.00 0.00 ? 12 C  B "H5'"  1 
ATOM 373 H "H5''" . C  B 2 2  ? 7.586   10.296  2.014   1.00 0.00 ? 12 C  B "H5''" 1 
ATOM 374 H "H4'"  . C  B 2 2  ? 9.617   9.878   0.674   1.00 0.00 ? 12 C  B "H4'"  1 
ATOM 375 H "H3'"  . C  B 2 2  ? 7.391   7.846   0.237   1.00 0.00 ? 12 C  B "H3'"  1 
ATOM 376 H "H2'"  . C  B 2 2  ? 8.805   7.276   -1.767  1.00 0.00 ? 12 C  B "H2'"  1 
ATOM 377 H "HO2'" . C  B 2 2  ? 9.512   9.496   -2.039  1.00 0.00 ? 12 C  B "HO2'" 1 
ATOM 378 H "H1'"  . C  B 2 2  ? 10.959  7.014   -0.251  1.00 0.00 ? 12 C  B "H1'"  1 
ATOM 379 H H41    . C  B 2 2  ? 8.577   1.164   0.162   1.00 0.00 ? 12 C  B H41    1 
ATOM 380 H H42    . C  B 2 2  ? 7.702   1.597   1.613   1.00 0.00 ? 12 C  B H42    1 
ATOM 381 H H5     . C  B 2 2  ? 7.667   3.900   2.516   1.00 0.00 ? 12 C  B H5     1 
ATOM 382 H H6     . C  B 2 2  ? 8.405   6.130   2.160   1.00 0.00 ? 12 C  B H6     1 
ATOM 383 P P      . G  B 2 3  ? 6.172   9.370   -1.745  1.00 0.00 ? 13 G  B P      1 
ATOM 384 O OP1    . G  B 2 3  ? 5.851   10.632  -2.445  1.00 0.00 ? 13 G  B OP1    1 
ATOM 385 O OP2    . G  B 2 3  ? 5.148   8.725   -0.894  1.00 0.00 ? 13 G  B OP2    1 
ATOM 386 O "O5'"  . G  B 2 3  ? 6.649   8.287   -2.845  1.00 0.00 ? 13 G  B "O5'"  1 
ATOM 387 C "C5'"  . G  B 2 3  ? 7.417   8.658   -3.973  1.00 0.00 ? 13 G  B "C5'"  1 
ATOM 388 C "C4'"  . G  B 2 3  ? 7.755   7.431   -4.825  1.00 0.00 ? 13 G  B "C4'"  1 
ATOM 389 O "O4'"  . G  B 2 3  ? 8.417   6.420   -4.083  1.00 0.00 ? 13 G  B "O4'"  1 
ATOM 390 C "C3'"  . G  B 2 3  ? 6.530   6.742   -5.416  1.00 0.00 ? 13 G  B "C3'"  1 
ATOM 391 O "O3'"  . G  B 2 3  ? 6.014   7.442   -6.535  1.00 0.00 ? 13 G  B "O3'"  1 
ATOM 392 C "C2'"  . G  B 2 3  ? 7.168   5.426   -5.837  1.00 0.00 ? 13 G  B "C2'"  1 
ATOM 393 O "O2'"  . G  B 2 3  ? 7.957   5.600   -6.999  1.00 0.00 ? 13 G  B "O2'"  1 
ATOM 394 C "C1'"  . G  B 2 3  ? 8.106   5.162   -4.666  1.00 0.00 ? 13 G  B "C1'"  1 
ATOM 395 N N9     . G  B 2 3  ? 7.498   4.235   -3.689  1.00 0.00 ? 13 G  B N9     1 
ATOM 396 C C8     . G  B 2 3  ? 7.063   4.462   -2.410  1.00 0.00 ? 13 G  B C8     1 
ATOM 397 N N7     . G  B 2 3  ? 6.731   3.379   -1.763  1.00 0.00 ? 13 G  B N7     1 
ATOM 398 C C5     . G  B 2 3  ? 6.962   2.357   -2.677  1.00 0.00 ? 13 G  B C5     1 
ATOM 399 C C6     . G  B 2 3  ? 6.841   0.940   -2.537  1.00 0.00 ? 13 G  B C6     1 
ATOM 400 O O6     . G  B 2 3  ? 6.564   0.297   -1.527  1.00 0.00 ? 13 G  B O6     1 
ATOM 401 N N1     . G  B 2 3  ? 7.110   0.267   -3.728  1.00 0.00 ? 13 G  B N1     1 
ATOM 402 C C2     . G  B 2 3  ? 7.478   0.886   -4.910  1.00 0.00 ? 13 G  B C2     1 
ATOM 403 N N2     . G  B 2 3  ? 7.698   0.117   -5.980  1.00 0.00 ? 13 G  B N2     1 
ATOM 404 N N3     . G  B 2 3  ? 7.643   2.210   -5.024  1.00 0.00 ? 13 G  B N3     1 
ATOM 405 C C4     . G  B 2 3  ? 7.370   2.883   -3.878  1.00 0.00 ? 13 G  B C4     1 
ATOM 406 H "H5'"  . G  B 2 3  ? 8.345   9.132   -3.654  1.00 0.00 ? 13 G  B "H5'"  1 
ATOM 407 H "H5''" . G  B 2 3  ? 6.857   9.365   -4.585  1.00 0.00 ? 13 G  B "H5''" 1 
ATOM 408 H "H4'"  . G  B 2 3  ? 8.413   7.747   -5.636  1.00 0.00 ? 13 G  B "H4'"  1 
ATOM 409 H "H3'"  . G  B 2 3  ? 5.800   6.565   -4.620  1.00 0.00 ? 13 G  B "H3'"  1 
ATOM 410 H "H2'"  . G  B 2 3  ? 6.439   4.633   -5.979  1.00 0.00 ? 13 G  B "H2'"  1 
ATOM 411 H "HO2'" . G  B 2 3  ? 7.449   6.101   -7.640  1.00 0.00 ? 13 G  B "HO2'" 1 
ATOM 412 H "H1'"  . G  B 2 3  ? 9.004   4.688   -5.049  1.00 0.00 ? 13 G  B "H1'"  1 
ATOM 413 H H8     . G  B 2 3  ? 7.027   5.445   -1.967  1.00 0.00 ? 13 G  B H8     1 
ATOM 414 H H1     . G  B 2 3  ? 7.052   -0.744  -3.696  1.00 0.00 ? 13 G  B H1     1 
ATOM 415 H H21    . G  B 2 3  ? 7.576   -0.884  -5.926  1.00 0.00 ? 13 G  B H21    1 
ATOM 416 H H22    . G  B 2 3  ? 7.974   0.547   -6.850  1.00 0.00 ? 13 G  B H22    1 
ATOM 417 P P      . DT B 2 4  ? 4.540   7.152   -7.125  1.00 0.00 ? 14 DT B P      1 
ATOM 418 O OP1    . DT B 2 4  ? 4.417   7.883   -8.405  1.00 0.00 ? 14 DT B OP1    1 
ATOM 419 O OP2    . DT B 2 4  ? 3.569   7.411   -6.041  1.00 0.00 ? 14 DT B OP2    1 
ATOM 420 O "O5'"  . DT B 2 4  ? 4.498   5.571   -7.443  1.00 0.00 ? 14 DT B "O5'"  1 
ATOM 421 C "C5'"  . DT B 2 4  ? 5.024   5.000   -8.630  1.00 0.00 ? 14 DT B "C5'"  1 
ATOM 422 C "C4'"  . DT B 2 4  ? 4.695   3.502   -8.612  1.00 0.00 ? 14 DT B "C4'"  1 
ATOM 423 O "O4'"  . DT B 2 4  ? 5.137   2.932   -7.401  1.00 0.00 ? 14 DT B "O4'"  1 
ATOM 424 C "C3'"  . DT B 2 4  ? 3.182   3.288   -8.712  1.00 0.00 ? 14 DT B "C3'"  1 
ATOM 425 O "O3'"  . DT B 2 4  ? 2.865   2.625   -9.930  1.00 0.00 ? 14 DT B "O3'"  1 
ATOM 426 C "C2'"  . DT B 2 4  ? 2.841   2.479   -7.483  1.00 0.00 ? 14 DT B "C2'"  1 
ATOM 427 C "C1'"  . DT B 2 4  ? 4.194   1.955   -7.033  1.00 0.00 ? 14 DT B "C1'"  1 
ATOM 428 N N1     . DT B 2 4  ? 4.187   1.765   -5.570  1.00 0.00 ? 14 DT B N1     1 
ATOM 429 C C2     . DT B 2 4  ? 4.047   0.473   -5.070  1.00 0.00 ? 14 DT B C2     1 
ATOM 430 O O2     . DT B 2 4  ? 4.106   -0.534  -5.771  1.00 0.00 ? 14 DT B O2     1 
ATOM 431 N N3     . DT B 2 4  ? 3.824   0.370   -3.708  1.00 0.00 ? 14 DT B N3     1 
ATOM 432 C C4     . DT B 2 4  ? 3.673   1.429   -2.826  1.00 0.00 ? 14 DT B C4     1 
ATOM 433 O O4     . DT B 2 4  ? 3.436   1.198   -1.643  1.00 0.00 ? 14 DT B O4     1 
ATOM 434 C C5     . DT B 2 4  ? 3.842   2.746   -3.430  1.00 0.00 ? 14 DT B C5     1 
ATOM 435 C C7     . DT B 2 4  ? 3.664   3.991   -2.583  1.00 0.00 ? 14 DT B C7     1 
ATOM 436 C C6     . DT B 2 4  ? 4.107   2.869   -4.757  1.00 0.00 ? 14 DT B C6     1 
ATOM 437 H "H5'"  . DT B 2 4  ? 6.099   5.145   -8.677  1.00 0.00 ? 14 DT B "H5'"  1 
ATOM 438 H "H5''" . DT B 2 4  ? 4.569   5.455   -9.510  1.00 0.00 ? 14 DT B "H5''" 1 
ATOM 439 H "H4'"  . DT B 2 4  ? 5.183   2.949   -9.413  1.00 0.00 ? 14 DT B "H4'"  1 
ATOM 440 H "H3'"  . DT B 2 4  ? 2.681   4.243   -8.570  1.00 0.00 ? 14 DT B "H3'"  1 
ATOM 441 H "H2'"  . DT B 2 4  ? 2.382   3.194   -6.796  1.00 0.00 ? 14 DT B "H2'"  1 
ATOM 442 H "H2''" . DT B 2 4  ? 2.173   1.647   -7.674  1.00 0.00 ? 14 DT B "H2''" 1 
ATOM 443 H "H1'"  . DT B 2 4  ? 4.388   1.049   -7.598  1.00 0.00 ? 14 DT B "H1'"  1 
ATOM 444 H H3     . DT B 2 4  ? 3.761   -0.571  -3.340  1.00 0.00 ? 14 DT B H3     1 
ATOM 445 H H71    . DT B 2 4  ? 2.609   4.263   -2.566  1.00 0.00 ? 14 DT B H71    1 
ATOM 446 H H72    . DT B 2 4  ? 3.999   3.806   -1.563  1.00 0.00 ? 14 DT B H72    1 
ATOM 447 H H73    . DT B 2 4  ? 4.236   4.823   -2.997  1.00 0.00 ? 14 DT B H73    1 
ATOM 448 H H6     . DT B 2 4  ? 4.246   3.847   -5.225  1.00 0.00 ? 14 DT B H6     1 
ATOM 449 P P      . DA B 2 5  ? 1.361   2.174   -10.327 1.00 0.00 ? 15 DA B P      1 
ATOM 450 O OP1    . DA B 2 5  ? 1.277   2.131   -11.804 1.00 0.00 ? 15 DA B OP1    1 
ATOM 451 O OP2    . DA B 2 5  ? 0.409   3.016   -9.566  1.00 0.00 ? 15 DA B OP2    1 
ATOM 452 O "O5'"  . DA B 2 5  ? 1.232   0.652   -9.776  1.00 0.00 ? 15 DA B "O5'"  1 
ATOM 453 C "C5'"  . DA B 2 5  ? 1.920   -0.431  -10.387 1.00 0.00 ? 15 DA B "C5'"  1 
ATOM 454 C "C4'"  . DA B 2 5  ? 1.723   -1.735  -9.591  1.00 0.00 ? 15 DA B "C4'"  1 
ATOM 455 O "O4'"  . DA B 2 5  ? 1.983   -1.516  -8.212  1.00 0.00 ? 15 DA B "O4'"  1 
ATOM 456 C "C3'"  . DA B 2 5  ? 0.297   -2.303  -9.715  1.00 0.00 ? 15 DA B "C3'"  1 
ATOM 457 O "O3'"  . DA B 2 5  ? 0.319   -3.617  -10.268 1.00 0.00 ? 15 DA B "O3'"  1 
ATOM 458 C "C2'"  . DA B 2 5  ? -0.191  -2.336  -8.274  1.00 0.00 ? 15 DA B "C2'"  1 
ATOM 459 C "C1'"  . DA B 2 5  ? 1.091   -2.317  -7.462  1.00 0.00 ? 15 DA B "C1'"  1 
ATOM 460 N N9     . DA B 2 5  ? 0.914   -1.782  -6.098  1.00 0.00 ? 15 DA B N9     1 
ATOM 461 C C8     . DA B 2 5  ? 0.696   -0.484  -5.737  1.00 0.00 ? 15 DA B C8     1 
ATOM 462 N N7     . DA B 2 5  ? 0.752   -0.255  -4.455  1.00 0.00 ? 15 DA B N7     1 
ATOM 463 C C5     . DA B 2 5  ? 0.989   -1.515  -3.919  1.00 0.00 ? 15 DA B C5     1 
ATOM 464 C C6     . DA B 2 5  ? 1.149   -1.980  -2.597  1.00 0.00 ? 15 DA B C6     1 
ATOM 465 N N6     . DA B 2 5  ? 1.168   -1.167  -1.534  1.00 0.00 ? 15 DA B N6     1 
ATOM 466 N N1     . DA B 2 5  ? 1.289   -3.306  -2.403  1.00 0.00 ? 15 DA B N1     1 
ATOM 467 C C2     . DA B 2 5  ? 1.296   -4.121  -3.454  1.00 0.00 ? 15 DA B C2     1 
ATOM 468 N N3     . DA B 2 5  ? 1.196   -3.805  -4.742  1.00 0.00 ? 15 DA B N3     1 
ATOM 469 C C4     . DA B 2 5  ? 1.042   -2.463  -4.911  1.00 0.00 ? 15 DA B C4     1 
ATOM 470 H "H5'"  . DA B 2 5  ? 2.985   -0.209  -10.439 1.00 0.00 ? 15 DA B "H5'"  1 
ATOM 471 H "H5''" . DA B 2 5  ? 1.554   -0.575  -11.404 1.00 0.00 ? 15 DA B "H5''" 1 
ATOM 472 H "H4'"  . DA B 2 5  ? 2.443   -2.471  -9.956  1.00 0.00 ? 15 DA B "H4'"  1 
ATOM 473 H "H3'"  . DA B 2 5  ? -0.334  -1.632  -10.298 1.00 0.00 ? 15 DA B "H3'"  1 
ATOM 474 H "H2'"  . DA B 2 5  ? -0.831  -1.476  -8.078  1.00 0.00 ? 15 DA B "H2'"  1 
ATOM 475 H "H2''" . DA B 2 5  ? -0.699  -3.265  -8.078  1.00 0.00 ? 15 DA B "H2''" 1 
ATOM 476 H "H1'"  . DA B 2 5  ? 1.439   -3.339  -7.395  1.00 0.00 ? 15 DA B "H1'"  1 
ATOM 477 H H8     . DA B 2 5  ? 0.505   0.259   -6.484  1.00 0.00 ? 15 DA B H8     1 
ATOM 478 H H61    . DA B 2 5  ? 1.333   -1.538  -0.608  1.00 0.00 ? 15 DA B H61    1 
ATOM 479 H H62    . DA B 2 5  ? 1.097   -0.170  -1.674  1.00 0.00 ? 15 DA B H62    1 
ATOM 480 H H2     . DA B 2 5  ? 1.412   -5.171  -3.237  1.00 0.00 ? 15 DA B H2     1 
ATOM 481 P P      . DT B 2 6  ? -1.036  -4.438  -10.656 1.00 0.00 ? 16 DT B P      1 
ATOM 482 O OP1    . DT B 2 6  ? -0.639  -5.575  -11.515 1.00 0.00 ? 16 DT B OP1    1 
ATOM 483 O OP2    . DT B 2 6  ? -2.030  -3.462  -11.157 1.00 0.00 ? 16 DT B OP2    1 
ATOM 484 O "O5'"  . DT B 2 6  ? -1.601  -5.046  -9.260  1.00 0.00 ? 16 DT B "O5'"  1 
ATOM 485 C "C5'"  . DT B 2 6  ? -1.049  -6.210  -8.671  1.00 0.00 ? 16 DT B "C5'"  1 
ATOM 486 C "C4'"  . DT B 2 6  ? -1.543  -6.448  -7.232  1.00 0.00 ? 16 DT B "C4'"  1 
ATOM 487 O "O4'"  . DT B 2 6  ? -1.227  -5.400  -6.318  1.00 0.00 ? 16 DT B "O4'"  1 
ATOM 488 C "C3'"  . DT B 2 6  ? -3.064  -6.653  -7.133  1.00 0.00 ? 16 DT B "C3'"  1 
ATOM 489 O "O3'"  . DT B 2 6  ? -3.333  -8.020  -6.840  1.00 0.00 ? 16 DT B "O3'"  1 
ATOM 490 C "C2'"  . DT B 2 6  ? -3.503  -5.708  -6.017  1.00 0.00 ? 16 DT B "C2'"  1 
ATOM 491 C "C1'"  . DT B 2 6  ? -2.197  -5.431  -5.275  1.00 0.00 ? 16 DT B "C1'"  1 
ATOM 492 N N1     . DT B 2 6  ? -2.191  -4.193  -4.436  1.00 0.00 ? 16 DT B N1     1 
ATOM 493 C C2     . DT B 2 6  ? -1.945  -4.310  -3.063  1.00 0.00 ? 16 DT B C2     1 
ATOM 494 O O2     . DT B 2 6  ? -1.768  -5.383  -2.488  1.00 0.00 ? 16 DT B O2     1 
ATOM 495 N N3     . DT B 2 6  ? -1.906  -3.128  -2.339  1.00 0.00 ? 16 DT B N3     1 
ATOM 496 C C4     . DT B 2 6  ? -2.130  -1.855  -2.837  1.00 0.00 ? 16 DT B C4     1 
ATOM 497 O O4     . DT B 2 6  ? -2.102  -0.886  -2.083  1.00 0.00 ? 16 DT B O4     1 
ATOM 498 C C5     . DT B 2 6  ? -2.368  -1.812  -4.267  1.00 0.00 ? 16 DT B C5     1 
ATOM 499 C C7     . DT B 2 6  ? -2.630  -0.480  -4.945  1.00 0.00 ? 16 DT B C7     1 
ATOM 500 C C6     . DT B 2 6  ? -2.383  -2.954  -5.000  1.00 0.00 ? 16 DT B C6     1 
ATOM 501 H "H5'"  . DT B 2 6  ? 0.039   -6.157  -8.667  1.00 0.00 ? 16 DT B "H5'"  1 
ATOM 502 H "H5''" . DT B 2 6  ? -1.335  -7.071  -9.277  1.00 0.00 ? 16 DT B "H5''" 1 
ATOM 503 H "H4'"  . DT B 2 6  ? -1.017  -7.355  -6.910  1.00 0.00 ? 16 DT B "H4'"  1 
ATOM 504 H "H3'"  . DT B 2 6  ? -3.562  -6.311  -8.037  1.00 0.00 ? 16 DT B "H3'"  1 
ATOM 505 H "H2'"  . DT B 2 6  ? -3.897  -4.806  -6.484  1.00 0.00 ? 16 DT B "H2'"  1 
ATOM 506 H "H2''" . DT B 2 6  ? -4.256  -6.181  -5.390  1.00 0.00 ? 16 DT B "H2''" 1 
ATOM 507 H "H1'"  . DT B 2 6  ? -2.058  -6.292  -4.631  1.00 0.00 ? 16 DT B "H1'"  1 
ATOM 508 H H3     . DT B 2 6  ? -1.720  -3.213  -1.348  1.00 0.00 ? 16 DT B H3     1 
ATOM 509 H H71    . DT B 2 6  ? -3.697  -0.259  -4.896  1.00 0.00 ? 16 DT B H71    1 
ATOM 510 H H72    . DT B 2 6  ? -2.080  0.314   -4.439  1.00 0.00 ? 16 DT B H72    1 
ATOM 511 H H73    . DT B 2 6  ? -2.318  -0.511  -5.989  1.00 0.00 ? 16 DT B H73    1 
ATOM 512 H H6     . DT B 2 6  ? -2.539  -2.880  -6.059  1.00 0.00 ? 16 DT B H6     1 
ATOM 513 P P      . DA B 2 7  ? -4.833  -8.623  -6.712  1.00 0.00 ? 17 DA B P      1 
ATOM 514 O OP1    . DA B 2 7  ? -4.754  -10.087 -6.912  1.00 0.00 ? 17 DA B OP1    1 
ATOM 515 O OP2    . DA B 2 7  ? -5.730  -7.816  -7.569  1.00 0.00 ? 17 DA B OP2    1 
ATOM 516 O "O5'"  . DA B 2 7  ? -5.238  -8.349  -5.170  1.00 0.00 ? 17 DA B "O5'"  1 
ATOM 517 C "C5'"  . DA B 2 7  ? -4.764  -9.165  -4.114  1.00 0.00 ? 17 DA B "C5'"  1 
ATOM 518 C "C4'"  . DA B 2 7  ? -5.178  -8.596  -2.750  1.00 0.00 ? 17 DA B "C4'"  1 
ATOM 519 O "O4'"  . DA B 2 7  ? -4.569  -7.336  -2.471  1.00 0.00 ? 17 DA B "O4'"  1 
ATOM 520 C "C3'"  . DA B 2 7  ? -6.699  -8.397  -2.623  1.00 0.00 ? 17 DA B "C3'"  1 
ATOM 521 O "O3'"  . DA B 2 7  ? -7.162  -9.092  -1.470  1.00 0.00 ? 17 DA B "O3'"  1 
ATOM 522 C "C2'"  . DA B 2 7  ? -6.793  -6.889  -2.496  1.00 0.00 ? 17 DA B "C2'"  1 
ATOM 523 C "C1'"  . DA B 2 7  ? -5.517  -6.610  -1.714  1.00 0.00 ? 17 DA B "C1'"  1 
ATOM 524 N N9     . DA B 2 7  ? -5.220  -5.166  -1.578  1.00 0.00 ? 17 DA B N9     1 
ATOM 525 C C8     . DA B 2 7  ? -5.255  -4.191  -2.539  1.00 0.00 ? 17 DA B C8     1 
ATOM 526 N N7     . DA B 2 7  ? -4.978  -2.993  -2.110  1.00 0.00 ? 17 DA B N7     1 
ATOM 527 C C5     . DA B 2 7  ? -4.751  -3.181  -0.754  1.00 0.00 ? 17 DA B C5     1 
ATOM 528 C C6     . DA B 2 7  ? -4.424  -2.296  0.293   1.00 0.00 ? 17 DA B C6     1 
ATOM 529 N N6     . DA B 2 7  ? -4.196  -0.995  0.090   1.00 0.00 ? 17 DA B N6     1 
ATOM 530 N N1     . DA B 2 7  ? -4.367  -2.780  1.549   1.00 0.00 ? 17 DA B N1     1 
ATOM 531 C C2     . DA B 2 7  ? -4.596  -4.076  1.752   1.00 0.00 ? 17 DA B C2     1 
ATOM 532 N N3     . DA B 2 7  ? -4.875  -5.015  0.850   1.00 0.00 ? 17 DA B N3     1 
ATOM 533 C C4     . DA B 2 7  ? -4.938  -4.497  -0.407  1.00 0.00 ? 17 DA B C4     1 
ATOM 534 H "H5'"  . DA B 2 7  ? -3.678  -9.257  -4.152  1.00 0.00 ? 17 DA B "H5'"  1 
ATOM 535 H "H5''" . DA B 2 7  ? -5.198  -10.160 -4.218  1.00 0.00 ? 17 DA B "H5''" 1 
ATOM 536 H "H4'"  . DA B 2 7  ? -4.848  -9.296  -1.981  1.00 0.00 ? 17 DA B "H4'"  1 
ATOM 537 H "H3'"  . DA B 2 7  ? -7.242  -8.681  -3.519  1.00 0.00 ? 17 DA B "H3'"  1 
ATOM 538 H "H2'"  . DA B 2 7  ? -6.747  -6.483  -3.506  1.00 0.00 ? 17 DA B "H2'"  1 
ATOM 539 H "H2''" . DA B 2 7  ? -7.705  -6.557  -2.025  1.00 0.00 ? 17 DA B "H2''" 1 
ATOM 540 H "H1'"  . DA B 2 7  ? -5.595  -7.048  -0.721  1.00 0.00 ? 17 DA B "H1'"  1 
ATOM 541 H H8     . DA B 2 7  ? -5.501  -4.402  -3.561  1.00 0.00 ? 17 DA B H8     1 
ATOM 542 H H61    . DA B 2 7  ? -3.966  -0.390  0.864   1.00 0.00 ? 17 DA B H61    1 
ATOM 543 H H62    . DA B 2 7  ? -4.184  -0.636  -0.854  1.00 0.00 ? 17 DA B H62    1 
ATOM 544 H H2     . DA B 2 7  ? -4.538  -4.409  2.777   1.00 0.00 ? 17 DA B H2     1 
ATOM 545 P P      . DC B 2 8  ? -8.716  -9.138  -1.018  1.00 0.00 ? 18 DC B P      1 
ATOM 546 O OP1    . DC B 2 8  ? -9.056  -10.541 -0.692  1.00 0.00 ? 18 DC B OP1    1 
ATOM 547 O OP2    . DC B 2 8  ? -9.525  -8.402  -2.015  1.00 0.00 ? 18 DC B OP2    1 
ATOM 548 O "O5'"  . DC B 2 8  ? -8.719  -8.287  0.356   1.00 0.00 ? 18 DC B "O5'"  1 
ATOM 549 C "C5'"  . DC B 2 8  ? -8.202  -8.830  1.560   1.00 0.00 ? 18 DC B "C5'"  1 
ATOM 550 C "C4'"  . DC B 2 8  ? -8.196  -7.774  2.672   1.00 0.00 ? 18 DC B "C4'"  1 
ATOM 551 O "O4'"  . DC B 2 8  ? -7.584  -6.581  2.208   1.00 0.00 ? 18 DC B "O4'"  1 
ATOM 552 C "C3'"  . DC B 2 8  ? -9.613  -7.417  3.152   1.00 0.00 ? 18 DC B "C3'"  1 
ATOM 553 O "O3'"  . DC B 2 8  ? -9.750  -7.718  4.537   1.00 0.00 ? 18 DC B "O3'"  1 
ATOM 554 C "C2'"  . DC B 2 8  ? -9.708  -5.919  2.897   1.00 0.00 ? 18 DC B "C2'"  1 
ATOM 555 C "C1'"  . DC B 2 8  ? -8.254  -5.487  2.802   1.00 0.00 ? 18 DC B "C1'"  1 
ATOM 556 N N1     . DC B 2 8  ? -8.085  -4.249  1.997   1.00 0.00 ? 18 DC B N1     1 
ATOM 557 C C2     . DC B 2 8  ? -7.652  -3.079  2.619   1.00 0.00 ? 18 DC B C2     1 
ATOM 558 O O2     . DC B 2 8  ? -7.473  -3.028  3.832   1.00 0.00 ? 18 DC B O2     1 
ATOM 559 N N3     . DC B 2 8  ? -7.427  -1.976  1.849   1.00 0.00 ? 18 DC B N3     1 
ATOM 560 C C4     . DC B 2 8  ? -7.605  -2.009  0.521   1.00 0.00 ? 18 DC B C4     1 
ATOM 561 N N4     . DC B 2 8  ? -7.341  -0.898  -0.172  1.00 0.00 ? 18 DC B N4     1 
ATOM 562 C C5     . DC B 2 8  ? -8.060  -3.202  -0.142  1.00 0.00 ? 18 DC B C5     1 
ATOM 563 C C6     . DC B 2 8  ? -8.294  -4.283  0.643   1.00 0.00 ? 18 DC B C6     1 
ATOM 564 H "H5'"  . DC B 2 8  ? -7.185  -9.187  1.401   1.00 0.00 ? 18 DC B "H5'"  1 
ATOM 565 H "H5''" . DC B 2 8  ? -8.812  -9.678  1.877   1.00 0.00 ? 18 DC B "H5''" 1 
ATOM 566 H "H4'"  . DC B 2 8  ? -7.612  -8.164  3.509   1.00 0.00 ? 18 DC B "H4'"  1 
ATOM 567 H "H3'"  . DC B 2 8  ? -10.360 -7.929  2.546   1.00 0.00 ? 18 DC B "H3'"  1 
ATOM 568 H "H2'"  . DC B 2 8  ? -10.260 -5.742  1.974   1.00 0.00 ? 18 DC B "H2'"  1 
ATOM 569 H "H2''" . DC B 2 8  ? -10.181 -5.413  3.725   1.00 0.00 ? 18 DC B "H2''" 1 
ATOM 570 H "H1'"  . DC B 2 8  ? -7.894  -5.359  3.817   1.00 0.00 ? 18 DC B "H1'"  1 
ATOM 571 H H41    . DC B 2 8  ? -7.021  -0.074  0.325   1.00 0.00 ? 18 DC B H41    1 
ATOM 572 H H42    . DC B 2 8  ? -7.429  -0.887  -1.177  1.00 0.00 ? 18 DC B H42    1 
ATOM 573 H H5     . DC B 2 8  ? -8.190  -3.280  -1.213  1.00 0.00 ? 18 DC B H5     1 
ATOM 574 H H6     . DC B 2 8  ? -8.670  -5.205  0.227   1.00 0.00 ? 18 DC B H6     1 
ATOM 575 P P      . DC B 2 9  ? -11.165 -7.603  5.329   1.00 0.00 ? 19 DC B P      1 
ATOM 576 O OP1    . DC B 2 9  ? -11.039 -8.369  6.589   1.00 0.00 ? 19 DC B OP1    1 
ATOM 577 O OP2    . DC B 2 9  ? -12.250 -7.940  4.379   1.00 0.00 ? 19 DC B OP2    1 
ATOM 578 O "O5'"  . DC B 2 9  ? -11.313 -6.035  5.711   1.00 0.00 ? 19 DC B "O5'"  1 
ATOM 579 C "C5'"  . DC B 2 9  ? -10.633 -5.464  6.816   1.00 0.00 ? 19 DC B "C5'"  1 
ATOM 580 C "C4'"  . DC B 2 9  ? -10.830 -3.941  6.886   1.00 0.00 ? 19 DC B "C4'"  1 
ATOM 581 O "O4'"  . DC B 2 9  ? -10.312 -3.256  5.751   1.00 0.00 ? 19 DC B "O4'"  1 
ATOM 582 C "C3'"  . DC B 2 9  ? -12.311 -3.535  6.999   1.00 0.00 ? 19 DC B "C3'"  1 
ATOM 583 O "O3'"  . DC B 2 9  ? -12.560 -2.986  8.289   1.00 0.00 ? 19 DC B "O3'"  1 
ATOM 584 C "C2'"  . DC B 2 9  ? -12.494 -2.498  5.892   1.00 0.00 ? 19 DC B "C2'"  1 
ATOM 585 C "C1'"  . DC B 2 9  ? -11.059 -2.058  5.604   1.00 0.00 ? 19 DC B "C1'"  1 
ATOM 586 N N1     . DC B 2 9  ? -10.842 -1.411  4.274   1.00 0.00 ? 19 DC B N1     1 
ATOM 587 C C2     . DC B 2 9  ? -10.458 -0.064  4.216   1.00 0.00 ? 19 DC B C2     1 
ATOM 588 O O2     . DC B 2 9  ? -10.396 0.629   5.228   1.00 0.00 ? 19 DC B O2     1 
ATOM 589 N N3     . DC B 2 9  ? -10.162 0.487   3.001   1.00 0.00 ? 19 DC B N3     1 
ATOM 590 C C4     . DC B 2 9  ? -10.261 -0.238  1.876   1.00 0.00 ? 19 DC B C4     1 
ATOM 591 N N4     . DC B 2 9  ? -10.002 0.343   0.704   1.00 0.00 ? 19 DC B N4     1 
ATOM 592 C C5     . DC B 2 9  ? -10.681 -1.609  1.906   1.00 0.00 ? 19 DC B C5     1 
ATOM 593 C C6     . DC B 2 9  ? -10.949 -2.143  3.120   1.00 0.00 ? 19 DC B C6     1 
ATOM 594 H "H5'"  . DC B 2 9  ? -9.567  -5.685  6.766   1.00 0.00 ? 19 DC B "H5'"  1 
ATOM 595 H "H5''" . DC B 2 9  ? -11.027 -5.902  7.734   1.00 0.00 ? 19 DC B "H5''" 1 
ATOM 596 H "H4'"  . DC B 2 9  ? -10.272 -3.607  7.767   1.00 0.00 ? 19 DC B "H4'"  1 
ATOM 597 H "H3'"  . DC B 2 9  ? -12.957 -4.387  6.785   1.00 0.00 ? 19 DC B "H3'"  1 
ATOM 598 H "H2'"  . DC B 2 9  ? -12.989 -2.950  5.036   1.00 0.00 ? 19 DC B "H2'"  1 
ATOM 599 H "H2''" . DC B 2 9  ? -13.106 -1.685  6.247   1.00 0.00 ? 19 DC B "H2''" 1 
ATOM 600 H "H1'"  . DC B 2 9  ? -10.800 -1.364  6.397   1.00 0.00 ? 19 DC B "H1'"  1 
ATOM 601 H H41    . DC B 2 9  ? -9.708  1.308   0.680   1.00 0.00 ? 19 DC B H41    1 
ATOM 602 H H42    . DC B 2 9  ? -10.055 -0.190  -0.151  1.00 0.00 ? 19 DC B H42    1 
ATOM 603 H H5     . DC B 2 9  ? -10.781 -2.222  1.021   1.00 0.00 ? 19 DC B H5     1 
ATOM 604 H H6     . DC B 2 9  ? -11.244 -3.173  3.173   1.00 0.00 ? 19 DC B H6     1 
ATOM 605 P P      . DC B 2 10 ? -14.028 -2.475  8.767   1.00 0.00 ? 20 DC B P      1 
ATOM 606 O OP1    . DC B 2 10 ? -14.044 -2.458  10.247  1.00 0.00 ? 20 DC B OP1    1 
ATOM 607 O OP2    . DC B 2 10 ? -15.048 -3.256  8.035   1.00 0.00 ? 20 DC B OP2    1 
ATOM 608 O "O5'"  . DC B 2 10 ? -14.115 -0.939  8.250   1.00 0.00 ? 20 DC B "O5'"  1 
ATOM 609 C "C5'"  . DC B 2 10 ? -13.476 0.116   8.945   1.00 0.00 ? 20 DC B "C5'"  1 
ATOM 610 C "C4'"  . DC B 2 10 ? -13.564 1.458   8.198   1.00 0.00 ? 20 DC B "C4'"  1 
ATOM 611 O "O4'"  . DC B 2 10 ? -12.913 1.467   6.931   1.00 0.00 ? 20 DC B "O4'"  1 
ATOM 612 C "C3'"  . DC B 2 10 ? -15.004 1.913   7.906   1.00 0.00 ? 20 DC B "C3'"  1 
ATOM 613 O "O3'"  . DC B 2 10 ? -15.398 2.943   8.788   1.00 0.00 ? 20 DC B "O3'"  1 
ATOM 614 C "C2'"  . DC B 2 10 ? -14.980 2.420   6.463   1.00 0.00 ? 20 DC B "C2'"  1 
ATOM 615 C "C1'"  . DC B 2 10 ? -13.483 2.533   6.176   1.00 0.00 ? 20 DC B "C1'"  1 
ATOM 616 N N1     . DC B 2 10 ? -13.204 2.439   4.713   1.00 0.00 ? 20 DC B N1     1 
ATOM 617 C C2     . DC B 2 10 ? -12.851 3.591   4.004   1.00 0.00 ? 20 DC B C2     1 
ATOM 618 O O2     . DC B 2 10 ? -12.754 4.673   4.575   1.00 0.00 ? 20 DC B O2     1 
ATOM 619 N N3     . DC B 2 10 ? -12.615 3.494   2.660   1.00 0.00 ? 20 DC B N3     1 
ATOM 620 C C4     . DC B 2 10 ? -12.752 2.321   2.021   1.00 0.00 ? 20 DC B C4     1 
ATOM 621 N N4     . DC B 2 10 ? -12.498 2.260   0.712   1.00 0.00 ? 20 DC B N4     1 
ATOM 622 C C5     . DC B 2 10 ? -13.170 1.136   2.717   1.00 0.00 ? 20 DC B C5     1 
ATOM 623 C C6     . DC B 2 10 ? -13.373 1.252   4.049   1.00 0.00 ? 20 DC B C6     1 
ATOM 624 H "H5'"  . DC B 2 10 ? -12.428 -0.123  9.121   1.00 0.00 ? 20 DC B "H5'"  1 
ATOM 625 H "H5''" . DC B 2 10 ? -13.963 0.237   9.913   1.00 0.00 ? 20 DC B "H5''" 1 
ATOM 626 H "H4'"  . DC B 2 10 ? -13.058 2.166   8.864   1.00 0.00 ? 20 DC B "H4'"  1 
ATOM 627 H "H3'"  . DC B 2 10 ? -15.699 1.077   7.948   1.00 0.00 ? 20 DC B "H3'"  1 
ATOM 628 H "HO3'" . DC B 2 10 ? -14.776 3.670   8.709   1.00 0.00 ? 20 DC B "HO3'" 1 
ATOM 629 H "H2'"  . DC B 2 10 ? -15.430 1.653   5.832   1.00 0.00 ? 20 DC B "H2'"  1 
ATOM 630 H "H2''" . DC B 2 10 ? -15.521 3.359   6.308   1.00 0.00 ? 20 DC B "H2''" 1 
ATOM 631 H "H1'"  . DC B 2 10 ? -13.119 3.477   6.585   1.00 0.00 ? 20 DC B "H1'"  1 
ATOM 632 H H41    . DC B 2 10 ? -12.184 3.083   0.218   1.00 0.00 ? 20 DC B H41    1 
ATOM 633 H H42    . DC B 2 10 ? -12.577 1.381   0.222   1.00 0.00 ? 20 DC B H42    1 
ATOM 634 H H5     . DC B 2 10 ? -13.293 0.170   2.246   1.00 0.00 ? 20 DC B H5     1 
ATOM 635 H H6     . DC B 2 10 ? -13.680 0.390   4.607   1.00 0.00 ? 20 DC B H6     1 
# 
